data_2IKQ
#
_entry.id   2IKQ
#
_cell.length_a   116.960
_cell.length_b   74.671
_cell.length_c   101.279
_cell.angle_alpha   90.00
_cell.angle_beta   100.79
_cell.angle_gamma   90.00
#
_symmetry.space_group_name_H-M   'C 1 2 1'
#
loop_
_entity.id
_entity.type
_entity.pdbx_description
1 polymer 'Suppressor of T-cell receptor signaling 1'
2 non-polymer 'PHOSPHATE ION'
3 water water
#
_entity_poly.entity_id   1
_entity_poly.type   'polypeptide(L)'
_entity_poly.pdbx_seq_one_letter_code
;GPQKRCLFVCRHGERMDVVFGKYWLSQCFDAKGRYIRTNLNMPHSLPQRSGGFRDYEKDAPITVFGCMQARLVGEALLES
NTVIDHVYCSPSLRCVQTAHNILKGLQQDNHLKIRVEPGLFEWTKWVAGSTLPAWIPPSELAAANLSVDTTYRPHIPVSK
LAISESYDTYINRSFQVTKEIISECKSKGNNILIVAHASSLEACTCQLQGLSPQNSKDFVQMVRKIPYLGFCSCEELGET
GIWQLTDPPILPLTHGPTGGFNWRETLLQE
;
_entity_poly.pdbx_strand_id   A,B,M
#
loop_
_chem_comp.id
_chem_comp.type
_chem_comp.name
_chem_comp.formula
PO4 non-polymer 'PHOSPHATE ION' 'O4 P -3'
#
# COMPACT_ATOMS: atom_id res chain seq x y z
N LYS A 4 9.45 31.40 3.26
CA LYS A 4 8.65 30.17 2.96
C LYS A 4 7.84 30.35 1.71
N ARG A 5 8.50 30.18 0.58
CA ARG A 5 7.78 29.91 -0.64
C ARG A 5 8.60 28.98 -1.46
N CYS A 6 7.90 28.14 -2.18
CA CYS A 6 8.56 27.01 -2.80
C CYS A 6 8.11 26.83 -4.20
N LEU A 7 9.09 26.59 -5.06
CA LEU A 7 8.79 26.14 -6.38
C LEU A 7 9.29 24.71 -6.46
N PHE A 8 8.37 23.81 -6.76
CA PHE A 8 8.75 22.41 -7.04
C PHE A 8 8.62 22.21 -8.53
N VAL A 9 9.63 21.63 -9.14
CA VAL A 9 9.59 21.33 -10.55
C VAL A 9 9.93 19.88 -10.74
N CYS A 10 9.03 19.13 -11.35
CA CYS A 10 9.27 17.69 -11.59
C CYS A 10 8.89 17.27 -12.98
N ARG A 11 9.47 16.16 -13.41
CA ARG A 11 9.28 15.61 -14.75
C ARG A 11 8.06 14.68 -14.81
N HIS A 12 7.41 14.63 -15.97
CA HIS A 12 6.30 13.67 -16.21
C HIS A 12 6.72 12.22 -15.95
N GLY A 13 5.73 11.35 -15.81
CA GLY A 13 5.96 9.94 -15.55
C GLY A 13 6.12 9.10 -16.82
N GLU A 14 6.27 7.80 -16.64
CA GLU A 14 6.59 6.88 -17.78
C GLU A 14 5.68 6.96 -19.01
N ARG A 15 6.31 7.06 -20.14
CA ARG A 15 5.70 7.47 -21.38
C ARG A 15 5.56 6.25 -22.42
N MET A 16 4.37 6.09 -23.04
CA MET A 16 4.03 4.98 -23.99
C MET A 16 5.05 4.67 -25.05
N ASP A 17 5.39 5.67 -25.85
CA ASP A 17 6.32 5.51 -26.97
C ASP A 17 7.74 5.16 -26.59
N VAL A 18 8.06 5.09 -25.30
CA VAL A 18 9.41 4.70 -24.92
C VAL A 18 9.38 3.24 -24.57
N VAL A 19 8.36 2.83 -23.82
CA VAL A 19 8.24 1.43 -23.45
C VAL A 19 7.89 0.67 -24.70
N PHE A 20 6.88 1.14 -25.41
CA PHE A 20 6.41 0.42 -26.55
C PHE A 20 6.96 0.96 -27.85
N GLY A 21 7.78 2.00 -27.72
CA GLY A 21 8.56 2.49 -28.83
C GLY A 21 7.75 3.27 -29.84
N LYS A 22 8.39 3.64 -30.92
CA LYS A 22 7.80 4.59 -31.86
C LYS A 22 6.42 4.22 -32.41
N TYR A 23 6.19 2.93 -32.63
CA TYR A 23 5.03 2.51 -33.41
C TYR A 23 3.94 1.89 -32.56
N TRP A 24 3.99 2.18 -31.27
CA TRP A 24 3.09 1.62 -30.27
C TRP A 24 1.63 1.78 -30.69
N LEU A 25 1.36 2.79 -31.50
CA LEU A 25 0.03 3.02 -32.06
C LEU A 25 -0.52 1.82 -32.82
N SER A 26 0.30 1.21 -33.67
CA SER A 26 -0.15 0.01 -34.37
C SER A 26 -0.32 -1.17 -33.42
N GLN A 27 0.28 -1.08 -32.23
CA GLN A 27 0.12 -2.11 -31.22
C GLN A 27 -1.17 -1.97 -30.40
N CYS A 28 -1.85 -0.83 -30.42
CA CYS A 28 -3.09 -0.76 -29.64
C CYS A 28 -4.32 -0.19 -30.32
N PHE A 29 -4.18 0.23 -31.57
CA PHE A 29 -5.30 0.66 -32.37
C PHE A 29 -5.47 -0.25 -33.61
N ASP A 30 -6.68 -0.79 -33.79
CA ASP A 30 -6.98 -1.55 -34.97
C ASP A 30 -7.30 -0.63 -36.15
N ALA A 31 -7.68 -1.21 -37.28
CA ALA A 31 -7.98 -0.44 -38.50
C ALA A 31 -9.18 0.52 -38.35
N LYS A 32 -10.16 0.13 -37.55
CA LYS A 32 -11.33 0.96 -37.32
C LYS A 32 -11.06 2.09 -36.33
N GLY A 33 -9.92 2.00 -35.65
CA GLY A 33 -9.50 3.04 -34.71
C GLY A 33 -9.88 2.70 -33.28
N ARG A 34 -10.26 1.44 -33.04
CA ARG A 34 -10.56 1.00 -31.70
C ARG A 34 -9.31 0.71 -30.91
N TYR A 35 -9.31 1.10 -29.64
CA TYR A 35 -8.20 0.84 -28.76
C TYR A 35 -8.33 -0.56 -28.19
N ILE A 36 -7.31 -1.36 -28.36
CA ILE A 36 -7.30 -2.70 -27.79
C ILE A 36 -5.96 -2.83 -27.08
N ARG A 37 -5.95 -2.74 -25.74
CA ARG A 37 -4.69 -2.80 -25.02
C ARG A 37 -4.10 -4.20 -25.20
N THR A 38 -2.77 -4.27 -25.25
CA THR A 38 -2.12 -5.55 -25.53
C THR A 38 -1.11 -5.85 -24.45
N ASN A 39 -1.13 -5.02 -23.39
CA ASN A 39 -0.18 -5.10 -22.30
C ASN A 39 -0.76 -4.45 -21.02
N LEU A 40 -0.45 -5.03 -19.87
CA LEU A 40 -1.02 -4.55 -18.64
C LEU A 40 -0.52 -3.18 -18.23
N ASN A 41 0.57 -2.72 -18.85
CA ASN A 41 1.10 -1.37 -18.62
C ASN A 41 0.44 -0.31 -19.50
N MET A 42 -0.62 -0.70 -20.20
CA MET A 42 -1.39 0.18 -21.06
C MET A 42 -2.70 0.43 -20.36
N PRO A 43 -3.12 1.71 -20.29
CA PRO A 43 -4.32 2.10 -19.56
C PRO A 43 -5.55 1.43 -20.10
N HIS A 44 -6.59 1.28 -19.30
CA HIS A 44 -7.83 0.66 -19.78
C HIS A 44 -8.49 1.44 -20.90
N SER A 45 -8.27 2.74 -20.93
CA SER A 45 -8.76 3.54 -22.03
C SER A 45 -7.92 4.78 -22.24
N LEU A 46 -7.91 5.30 -23.46
CA LEU A 46 -7.23 6.52 -23.81
C LEU A 46 -8.27 7.57 -24.18
N PRO A 47 -7.97 8.87 -23.95
CA PRO A 47 -8.89 9.96 -24.26
C PRO A 47 -9.09 10.14 -25.77
N GLN A 48 -10.33 10.46 -26.14
CA GLN A 48 -10.68 10.78 -27.51
C GLN A 48 -9.97 12.06 -27.94
N ARG A 49 -9.05 11.97 -28.87
CA ARG A 49 -8.48 13.18 -29.43
C ARG A 49 -9.32 13.63 -30.62
N SER A 50 -9.77 14.88 -30.57
CA SER A 50 -10.67 15.41 -31.60
C SER A 50 -10.16 15.28 -33.03
N GLY A 51 -8.86 15.02 -33.21
CA GLY A 51 -8.30 14.82 -34.54
C GLY A 51 -8.12 13.36 -34.96
N GLY A 52 -8.54 12.41 -34.12
CA GLY A 52 -8.32 10.99 -34.39
C GLY A 52 -7.16 10.40 -33.60
N PHE A 53 -7.06 9.07 -33.58
CA PHE A 53 -6.00 8.40 -32.80
C PHE A 53 -4.60 8.74 -33.30
N ARG A 54 -4.51 9.31 -34.51
CA ARG A 54 -3.23 9.62 -35.13
C ARG A 54 -2.48 10.74 -34.40
N ASP A 55 -3.22 11.62 -33.75
CA ASP A 55 -2.64 12.76 -33.04
C ASP A 55 -1.73 12.35 -31.87
N TYR A 56 -1.96 11.17 -31.31
CA TYR A 56 -1.12 10.63 -30.26
C TYR A 56 0.34 10.49 -30.69
N GLU A 57 0.59 10.45 -31.99
CA GLU A 57 1.93 10.16 -32.44
C GLU A 57 2.96 11.15 -31.90
N LYS A 58 2.63 12.44 -31.94
CA LYS A 58 3.55 13.46 -31.47
C LYS A 58 3.25 13.93 -30.04
N ASP A 59 2.37 13.22 -29.34
CA ASP A 59 1.91 13.55 -28.01
C ASP A 59 1.44 12.26 -27.35
N ALA A 60 2.38 11.46 -26.88
CA ALA A 60 2.05 10.17 -26.28
C ALA A 60 1.54 10.33 -24.85
N PRO A 61 0.69 9.39 -24.38
CA PRO A 61 0.27 9.44 -23.00
C PRO A 61 1.21 8.64 -22.14
N ILE A 62 1.02 8.74 -20.84
CA ILE A 62 1.78 7.95 -19.87
C ILE A 62 1.18 6.57 -19.70
N THR A 63 2.03 5.66 -19.22
CA THR A 63 1.68 4.25 -19.07
C THR A 63 0.96 4.06 -17.75
N VAL A 64 0.57 2.83 -17.40
CA VAL A 64 -0.09 2.60 -16.10
C VAL A 64 0.90 2.83 -14.98
N PHE A 65 2.10 2.28 -15.11
CA PHE A 65 3.15 2.60 -14.12
C PHE A 65 3.53 4.08 -14.08
N GLY A 66 3.29 4.79 -15.19
CA GLY A 66 3.34 6.25 -15.23
C GLY A 66 2.41 6.86 -14.19
N CYS A 67 1.13 6.46 -14.17
CA CYS A 67 0.20 6.92 -13.10
C CYS A 67 0.71 6.58 -11.73
N MET A 68 1.18 5.34 -11.54
CA MET A 68 1.65 4.97 -10.19
C MET A 68 2.73 5.94 -9.72
N GLN A 69 3.73 6.18 -10.57
CA GLN A 69 4.82 7.07 -10.16
C GLN A 69 4.25 8.39 -9.62
N ALA A 70 3.36 8.97 -10.40
CA ALA A 70 2.79 10.24 -10.11
C ALA A 70 1.98 10.22 -8.81
N ARG A 71 1.15 9.18 -8.65
CA ARG A 71 0.34 8.98 -7.44
C ARG A 71 1.29 8.97 -6.25
N LEU A 72 2.31 8.09 -6.33
CA LEU A 72 3.28 8.02 -5.21
C LEU A 72 3.82 9.40 -4.83
N VAL A 73 4.16 10.22 -5.81
CA VAL A 73 4.70 11.51 -5.58
C VAL A 73 3.69 12.40 -4.82
N GLY A 74 2.44 12.45 -5.32
CA GLY A 74 1.35 13.16 -4.63
C GLY A 74 1.21 12.70 -3.20
N GLU A 75 1.16 11.39 -2.97
CA GLU A 75 0.98 10.86 -1.62
C GLU A 75 2.14 11.25 -0.77
N ALA A 76 3.36 11.07 -1.31
CA ALA A 76 4.55 11.50 -0.60
C ALA A 76 4.39 12.96 -0.14
N LEU A 77 3.92 13.80 -1.05
CA LEU A 77 3.78 15.21 -0.80
C LEU A 77 2.81 15.43 0.35
N LEU A 78 1.68 14.72 0.33
CA LEU A 78 0.68 14.80 1.40
C LEU A 78 1.22 14.29 2.74
N GLU A 79 1.94 13.17 2.74
CA GLU A 79 2.54 12.66 3.97
C GLU A 79 3.50 13.69 4.59
N SER A 80 4.22 14.42 3.76
CA SER A 80 5.16 15.41 4.25
C SER A 80 4.45 16.72 4.61
N ASN A 81 3.11 16.69 4.63
CA ASN A 81 2.26 17.86 4.87
C ASN A 81 2.72 19.08 4.09
N THR A 82 3.10 18.84 2.82
CA THR A 82 3.50 19.91 1.91
C THR A 82 2.26 20.36 1.13
N VAL A 83 1.83 21.61 1.36
CA VAL A 83 0.67 22.14 0.65
C VAL A 83 1.08 22.77 -0.67
N ILE A 84 0.31 22.46 -1.71
CA ILE A 84 0.50 23.01 -3.05
C ILE A 84 -0.64 23.97 -3.30
N ASP A 85 -0.31 25.16 -3.83
CA ASP A 85 -1.34 26.17 -4.02
C ASP A 85 -1.70 26.40 -5.47
N HIS A 86 -0.69 26.35 -6.32
CA HIS A 86 -0.92 26.47 -7.74
C HIS A 86 -0.15 25.35 -8.42
N VAL A 87 -0.74 24.76 -9.46
CA VAL A 87 -0.02 23.68 -10.25
C VAL A 87 -0.10 23.97 -11.74
N TYR A 88 1.07 24.19 -12.32
CA TYR A 88 1.20 24.40 -13.73
C TYR A 88 1.75 23.13 -14.42
N CYS A 89 1.45 22.95 -15.69
CA CYS A 89 2.11 21.87 -16.48
C CYS A 89 2.33 22.26 -17.93
N SER A 90 3.21 21.52 -18.61
CA SER A 90 3.44 21.66 -20.05
C SER A 90 2.17 21.23 -20.74
N PRO A 91 1.95 21.63 -22.00
CA PRO A 91 0.71 21.10 -22.61
C PRO A 91 0.83 19.64 -23.12
N SER A 92 2.00 19.01 -23.09
CA SER A 92 2.04 17.60 -23.53
C SER A 92 1.06 16.81 -22.69
N LEU A 93 0.43 15.80 -23.30
CA LEU A 93 -0.60 15.05 -22.58
C LEU A 93 0.07 14.36 -21.41
N ARG A 94 1.25 13.80 -21.67
CA ARG A 94 2.00 13.15 -20.60
C ARG A 94 2.13 14.09 -19.36
N CYS A 95 2.34 15.37 -19.59
CA CYS A 95 2.52 16.28 -18.46
C CYS A 95 1.21 16.53 -17.69
N VAL A 96 0.16 16.88 -18.44
CA VAL A 96 -1.17 16.97 -17.91
C VAL A 96 -1.54 15.76 -17.08
N GLN A 97 -1.39 14.56 -17.66
CA GLN A 97 -1.76 13.35 -16.95
C GLN A 97 -0.96 13.18 -15.66
N THR A 98 0.36 13.44 -15.70
CA THR A 98 1.14 13.36 -14.49
C THR A 98 0.61 14.41 -13.44
N ALA A 99 0.37 15.65 -13.86
CA ALA A 99 -0.19 16.62 -12.90
C ALA A 99 -1.50 16.11 -12.29
N HIS A 100 -2.36 15.49 -13.12
CA HIS A 100 -3.69 15.07 -12.63
C HIS A 100 -3.48 14.05 -11.51
N ASN A 101 -2.64 13.06 -11.80
CA ASN A 101 -2.37 11.99 -10.87
C ASN A 101 -1.59 12.41 -9.62
N ILE A 102 -0.70 13.39 -9.73
CA ILE A 102 -0.14 14.00 -8.52
C ILE A 102 -1.25 14.55 -7.65
N LEU A 103 -2.17 15.28 -8.26
CA LEU A 103 -3.29 15.84 -7.48
C LEU A 103 -4.14 14.77 -6.78
N LYS A 104 -4.24 13.59 -7.39
CA LYS A 104 -4.99 12.53 -6.73
C LYS A 104 -4.31 12.07 -5.44
N GLY A 105 -3.02 11.76 -5.53
CA GLY A 105 -2.25 11.28 -4.38
C GLY A 105 -2.31 12.32 -3.29
N LEU A 106 -2.27 13.57 -3.72
CA LEU A 106 -2.33 14.73 -2.85
C LEU A 106 -3.71 14.90 -2.25
N GLN A 107 -4.70 14.21 -2.81
CA GLN A 107 -6.12 14.36 -2.46
C GLN A 107 -6.58 15.80 -2.65
N GLN A 108 -6.48 16.27 -3.89
CA GLN A 108 -6.71 17.66 -4.27
C GLN A 108 -7.25 17.84 -5.69
N ASP A 109 -7.54 16.71 -6.37
CA ASP A 109 -7.94 16.72 -7.78
C ASP A 109 -9.24 17.49 -8.08
N ASN A 110 -10.17 17.51 -7.14
CA ASN A 110 -11.35 18.36 -7.32
C ASN A 110 -11.42 19.57 -6.37
N HIS A 111 -10.27 19.94 -5.80
CA HIS A 111 -10.14 21.27 -5.18
C HIS A 111 -9.19 22.17 -6.01
N LEU A 112 -8.11 21.58 -6.52
CA LEU A 112 -7.07 22.34 -7.22
C LEU A 112 -7.17 22.08 -8.73
N LYS A 113 -6.68 23.03 -9.53
CA LYS A 113 -6.89 23.00 -10.97
C LYS A 113 -5.66 23.33 -11.76
N ILE A 114 -5.27 22.42 -12.63
CA ILE A 114 -4.05 22.56 -13.36
C ILE A 114 -4.08 23.66 -14.42
N ARG A 115 -3.01 24.45 -14.44
CA ARG A 115 -2.88 25.53 -15.38
C ARG A 115 -1.95 25.18 -16.47
N VAL A 116 -2.51 24.84 -17.62
CA VAL A 116 -1.75 24.39 -18.76
C VAL A 116 -1.06 25.61 -19.40
N GLU A 117 0.26 25.55 -19.41
CA GLU A 117 1.09 26.68 -19.85
C GLU A 117 2.01 26.24 -20.99
N PRO A 118 1.64 26.58 -22.24
CA PRO A 118 2.42 26.20 -23.40
C PRO A 118 3.86 26.70 -23.32
N GLY A 119 4.08 27.76 -22.53
CA GLY A 119 5.42 28.23 -22.28
C GLY A 119 6.29 27.26 -21.52
N LEU A 120 5.67 26.33 -20.79
CA LEU A 120 6.45 25.27 -20.10
C LEU A 120 6.89 24.11 -21.00
N PHE A 121 6.48 24.11 -22.28
CA PHE A 121 6.79 22.98 -23.18
C PHE A 121 8.29 22.88 -23.46
N GLU A 122 8.74 21.68 -23.81
CA GLU A 122 10.17 21.41 -23.93
C GLU A 122 10.78 22.06 -25.15
N TRP A 123 12.10 22.06 -25.24
CA TRP A 123 12.81 22.60 -26.37
C TRP A 123 12.27 22.02 -27.69
N THR A 124 11.77 22.90 -28.55
CA THR A 124 10.98 22.53 -29.74
C THR A 124 11.76 21.79 -30.84
N LYS A 125 13.07 21.63 -30.63
CA LYS A 125 13.92 20.82 -31.46
C LYS A 125 13.53 19.34 -31.38
N TRP A 126 13.22 18.87 -30.16
CA TRP A 126 12.88 17.48 -29.93
C TRP A 126 11.48 17.08 -30.44
N VAL A 127 10.85 18.01 -31.15
CA VAL A 127 9.61 17.72 -31.85
C VAL A 127 9.98 17.22 -33.24
N ALA A 128 9.98 15.89 -33.36
CA ALA A 128 10.03 15.23 -34.65
C ALA A 128 8.84 15.72 -35.47
N GLY A 129 9.11 16.11 -36.70
CA GLY A 129 8.08 16.59 -37.58
C GLY A 129 8.36 18.03 -37.89
N SER A 130 7.68 18.53 -38.92
CA SER A 130 7.79 19.92 -39.35
C SER A 130 6.87 20.83 -38.52
N THR A 131 5.99 20.20 -37.75
CA THR A 131 4.84 20.88 -37.14
C THR A 131 4.61 20.47 -35.67
N LEU A 132 4.32 21.45 -34.83
CA LEU A 132 4.11 21.21 -33.39
C LEU A 132 2.98 20.24 -33.09
N PRO A 133 3.08 19.48 -31.97
CA PRO A 133 2.06 18.48 -31.63
C PRO A 133 0.67 19.08 -31.57
N ALA A 134 -0.33 18.26 -31.81
CA ALA A 134 -1.71 18.69 -31.71
C ALA A 134 -2.15 18.47 -30.28
N TRP A 135 -1.77 19.42 -29.43
CA TRP A 135 -2.12 19.34 -28.02
C TRP A 135 -3.62 19.38 -27.85
N ILE A 136 -4.09 18.71 -26.83
CA ILE A 136 -5.48 18.77 -26.41
C ILE A 136 -5.67 20.09 -25.65
N PRO A 137 -6.60 20.95 -26.14
CA PRO A 137 -6.77 22.26 -25.51
C PRO A 137 -7.36 22.03 -24.13
N PRO A 138 -7.14 22.98 -23.19
CA PRO A 138 -7.68 22.74 -21.85
C PRO A 138 -9.11 22.21 -21.79
N SER A 139 -10.11 22.92 -22.34
CA SER A 139 -11.51 22.45 -22.20
C SER A 139 -11.82 21.02 -22.71
N GLU A 140 -11.15 20.56 -23.76
CA GLU A 140 -11.22 19.14 -24.17
C GLU A 140 -10.59 18.25 -23.09
N LEU A 141 -9.63 18.81 -22.35
CA LEU A 141 -8.91 18.08 -21.31
C LEU A 141 -9.77 17.87 -20.07
N ALA A 142 -10.48 18.90 -19.63
CA ALA A 142 -11.42 18.75 -18.52
C ALA A 142 -12.46 17.70 -18.93
N ALA A 143 -13.16 17.97 -20.02
CA ALA A 143 -13.99 16.98 -20.67
C ALA A 143 -13.39 15.54 -20.70
N ALA A 144 -12.06 15.41 -20.61
CA ALA A 144 -11.43 14.07 -20.57
C ALA A 144 -11.05 13.60 -19.14
N ASN A 145 -11.65 14.23 -18.13
CA ASN A 145 -11.41 13.91 -16.72
C ASN A 145 -10.03 14.25 -16.18
N LEU A 146 -9.45 15.35 -16.66
CA LEU A 146 -8.21 15.85 -16.08
C LEU A 146 -8.56 17.19 -15.42
N SER A 147 -7.92 17.49 -14.29
CA SER A 147 -8.35 18.63 -13.50
C SER A 147 -7.67 19.91 -13.93
N VAL A 148 -7.88 20.29 -15.18
CA VAL A 148 -7.27 21.52 -15.69
C VAL A 148 -8.16 22.75 -15.47
N ASP A 149 -7.56 23.92 -15.54
CA ASP A 149 -8.30 25.16 -15.38
C ASP A 149 -8.61 25.68 -16.78
N THR A 150 -9.88 25.75 -17.13
CA THR A 150 -10.28 26.31 -18.41
C THR A 150 -10.22 27.85 -18.37
N THR A 151 -10.28 28.40 -17.16
CA THR A 151 -10.19 29.84 -16.90
C THR A 151 -8.79 30.42 -17.18
N TYR A 152 -7.77 29.57 -17.15
CA TYR A 152 -6.39 30.04 -17.19
C TYR A 152 -6.03 30.66 -18.52
N ARG A 153 -5.47 31.86 -18.50
CA ARG A 153 -4.95 32.48 -19.71
C ARG A 153 -3.42 32.38 -19.71
N PRO A 154 -2.86 31.63 -20.69
CA PRO A 154 -1.44 31.27 -20.80
C PRO A 154 -0.53 32.49 -20.97
N HIS A 155 0.69 32.41 -20.46
CA HIS A 155 1.69 33.48 -20.62
C HIS A 155 2.31 33.47 -22.01
N ILE A 156 2.65 32.27 -22.49
CA ILE A 156 3.00 32.08 -23.87
C ILE A 156 1.93 31.15 -24.41
N PRO A 157 1.00 31.66 -25.23
CA PRO A 157 0.05 30.73 -25.85
C PRO A 157 0.73 29.92 -26.97
N VAL A 158 0.02 28.93 -27.51
CA VAL A 158 0.56 28.01 -28.51
C VAL A 158 1.23 28.73 -29.68
N SER A 159 0.48 29.66 -30.28
CA SER A 159 0.93 30.41 -31.46
C SER A 159 2.20 31.22 -31.26
N LYS A 160 2.59 31.42 -30.00
CA LYS A 160 3.81 32.17 -29.72
C LYS A 160 5.02 31.26 -29.56
N LEU A 161 4.88 30.01 -29.99
CA LEU A 161 5.96 29.04 -29.90
C LEU A 161 6.56 28.75 -31.26
N ALA A 162 7.85 29.02 -31.39
CA ALA A 162 8.57 28.75 -32.62
C ALA A 162 8.92 27.27 -32.74
N ILE A 163 8.58 26.69 -33.89
CA ILE A 163 8.97 25.32 -34.20
C ILE A 163 10.47 25.35 -34.48
N SER A 164 11.17 24.29 -34.08
CA SER A 164 12.63 24.20 -34.23
C SER A 164 13.31 25.52 -33.82
N GLU A 165 13.12 25.89 -32.56
CA GLU A 165 13.54 27.21 -32.04
C GLU A 165 15.01 27.19 -31.60
N SER A 166 15.52 28.38 -31.29
CA SER A 166 16.90 28.50 -30.80
C SER A 166 17.02 27.99 -29.38
N TYR A 167 18.18 27.42 -29.05
CA TYR A 167 18.44 26.91 -27.71
C TYR A 167 18.21 27.97 -26.62
N ASP A 168 18.87 29.11 -26.69
CA ASP A 168 18.66 30.11 -25.66
C ASP A 168 17.31 30.84 -25.77
N THR A 169 16.63 30.71 -26.91
CA THR A 169 15.22 31.06 -26.97
C THR A 169 14.46 30.17 -25.97
N TYR A 170 14.69 28.86 -26.05
CA TYR A 170 14.09 27.91 -25.10
C TYR A 170 14.47 28.26 -23.66
N ILE A 171 15.74 28.55 -23.42
CA ILE A 171 16.22 28.88 -22.09
C ILE A 171 15.51 30.11 -21.56
N ASN A 172 15.37 31.10 -22.42
CA ASN A 172 14.74 32.37 -22.07
C ASN A 172 13.29 32.25 -21.72
N ARG A 173 12.54 31.54 -22.55
CA ARG A 173 11.13 31.44 -22.30
C ARG A 173 10.92 30.72 -20.98
N SER A 174 11.70 29.67 -20.71
CA SER A 174 11.73 29.03 -19.41
C SER A 174 11.90 30.03 -18.25
N PHE A 175 12.93 30.89 -18.35
CA PHE A 175 13.19 31.84 -17.30
C PHE A 175 12.04 32.84 -17.22
N GLN A 176 11.61 33.30 -18.40
CA GLN A 176 10.50 34.24 -18.50
C GLN A 176 9.20 33.66 -17.92
N VAL A 177 8.83 32.46 -18.37
CA VAL A 177 7.58 31.81 -17.92
C VAL A 177 7.57 31.56 -16.41
N THR A 178 8.63 30.92 -15.91
CA THR A 178 8.79 30.65 -14.48
C THR A 178 8.67 31.95 -13.66
N LYS A 179 9.18 33.05 -14.23
CA LYS A 179 9.19 34.36 -13.60
C LYS A 179 7.76 34.91 -13.43
N GLU A 180 6.97 34.80 -14.50
CA GLU A 180 5.57 35.26 -14.51
C GLU A 180 4.70 34.38 -13.64
N ILE A 181 5.11 33.12 -13.52
CA ILE A 181 4.38 32.16 -12.70
C ILE A 181 4.58 32.48 -11.22
N ILE A 182 5.82 32.76 -10.84
CA ILE A 182 6.17 33.06 -9.47
C ILE A 182 5.45 34.31 -8.96
N SER A 183 5.25 35.28 -9.85
CA SER A 183 4.68 36.56 -9.48
C SER A 183 3.14 36.64 -9.54
N GLU A 184 2.53 35.93 -10.49
CA GLU A 184 1.06 35.84 -10.54
C GLU A 184 0.51 34.93 -9.43
N CYS A 185 1.41 34.29 -8.69
CA CYS A 185 1.02 33.45 -7.55
C CYS A 185 1.44 34.04 -6.21
N LYS A 186 2.07 35.23 -6.23
CA LYS A 186 2.63 35.82 -5.01
C LYS A 186 1.59 36.19 -3.96
N SER A 187 0.74 37.16 -4.28
CA SER A 187 -0.28 37.64 -3.34
C SER A 187 -1.26 36.52 -2.92
N LYS A 188 -1.14 35.37 -3.60
CA LYS A 188 -2.18 34.35 -3.62
C LYS A 188 -1.77 33.00 -2.99
N GLY A 189 -0.87 33.03 -1.99
CA GLY A 189 -0.43 31.79 -1.30
C GLY A 189 0.95 31.25 -1.70
N ASN A 190 1.45 30.31 -0.92
CA ASN A 190 2.86 29.85 -1.02
C ASN A 190 3.27 28.92 -2.19
N ASN A 191 3.28 27.61 -1.97
CA ASN A 191 3.93 26.62 -2.87
C ASN A 191 3.41 26.43 -4.29
N ILE A 192 4.33 26.50 -5.24
CA ILE A 192 4.02 26.30 -6.66
C ILE A 192 4.58 24.96 -7.19
N LEU A 193 3.74 24.20 -7.88
CA LEU A 193 4.20 22.97 -8.55
C LEU A 193 4.10 23.11 -10.06
N ILE A 194 5.23 22.85 -10.73
CA ILE A 194 5.31 22.73 -12.20
C ILE A 194 5.59 21.30 -12.59
N VAL A 195 4.76 20.74 -13.47
CA VAL A 195 4.94 19.37 -13.99
C VAL A 195 5.34 19.47 -15.45
N ALA A 196 6.57 19.12 -15.82
CA ALA A 196 6.95 19.32 -17.20
C ALA A 196 7.89 18.25 -17.76
N HIS A 197 9.06 18.68 -18.24
CA HIS A 197 9.97 17.82 -18.93
C HIS A 197 11.33 17.76 -18.27
N ALA A 198 12.14 16.80 -18.70
CA ALA A 198 13.52 16.69 -18.24
C ALA A 198 14.23 18.02 -18.36
N SER A 199 14.21 18.61 -19.56
CA SER A 199 14.85 19.88 -19.79
C SER A 199 14.35 21.01 -18.83
N SER A 200 13.11 20.88 -18.36
CA SER A 200 12.46 21.93 -17.59
C SER A 200 13.04 22.10 -16.21
N LEU A 201 13.63 21.03 -15.69
CA LEU A 201 14.21 21.08 -14.35
C LEU A 201 15.34 22.10 -14.31
N GLU A 202 16.28 21.97 -15.25
CA GLU A 202 17.40 22.90 -15.40
C GLU A 202 16.93 24.27 -15.87
N ALA A 203 16.30 24.27 -17.05
CA ALA A 203 15.89 25.49 -17.72
C ALA A 203 15.06 26.44 -16.85
N CYS A 204 14.06 25.91 -16.14
CA CYS A 204 13.14 26.72 -15.33
C CYS A 204 13.79 27.35 -14.11
N THR A 205 14.69 26.61 -13.47
CA THR A 205 15.28 27.04 -12.21
C THR A 205 16.62 27.79 -12.35
N CYS A 206 17.45 27.35 -13.29
CA CYS A 206 18.85 27.81 -13.41
C CYS A 206 19.11 29.30 -13.15
N GLN A 207 18.52 30.16 -13.99
CA GLN A 207 18.77 31.59 -13.90
C GLN A 207 18.04 32.25 -12.72
N LEU A 208 17.03 31.54 -12.20
CA LEU A 208 16.35 31.96 -11.00
C LEU A 208 17.30 32.05 -9.81
N GLN A 209 18.32 31.18 -9.78
CA GLN A 209 19.35 31.20 -8.75
C GLN A 209 20.56 32.04 -9.18
N GLY A 210 20.43 32.71 -10.33
CA GLY A 210 21.49 33.57 -10.85
C GLY A 210 22.64 32.85 -11.55
N LEU A 211 22.50 31.54 -11.71
CA LEU A 211 23.51 30.74 -12.40
C LEU A 211 23.29 30.81 -13.91
N SER A 212 24.36 30.87 -14.69
CA SER A 212 24.23 30.87 -16.14
C SER A 212 24.06 29.44 -16.69
N PRO A 213 23.31 29.28 -17.79
CA PRO A 213 23.03 27.94 -18.36
C PRO A 213 24.28 27.28 -18.92
N GLN A 214 24.29 25.95 -18.92
CA GLN A 214 25.31 25.19 -19.68
C GLN A 214 25.07 25.44 -21.16
N ASN A 215 26.11 25.60 -21.96
CA ASN A 215 25.86 25.68 -23.41
C ASN A 215 25.19 24.41 -23.95
N SER A 216 24.61 24.51 -25.14
CA SER A 216 23.67 23.49 -25.67
C SER A 216 24.17 22.05 -25.84
N LYS A 217 25.44 21.79 -25.51
CA LYS A 217 26.01 20.44 -25.61
C LYS A 217 26.00 19.69 -24.27
N ASP A 218 26.51 20.35 -23.22
CA ASP A 218 26.52 19.80 -21.86
C ASP A 218 25.11 19.70 -21.30
N PHE A 219 24.17 20.39 -21.96
CA PHE A 219 22.75 20.44 -21.57
C PHE A 219 22.08 19.10 -21.79
N VAL A 220 22.02 18.70 -23.06
CA VAL A 220 21.52 17.39 -23.47
C VAL A 220 22.12 16.24 -22.65
N GLN A 221 23.39 16.34 -22.28
CA GLN A 221 24.00 15.43 -21.30
C GLN A 221 23.19 15.39 -20.00
N MET A 222 22.98 16.55 -19.37
CA MET A 222 22.25 16.68 -18.11
C MET A 222 20.73 16.37 -18.22
N VAL A 223 20.20 16.44 -19.43
CA VAL A 223 18.77 16.19 -19.67
C VAL A 223 18.44 14.71 -19.71
N ARG A 224 19.30 13.88 -20.32
CA ARG A 224 19.08 12.43 -20.31
C ARG A 224 19.44 11.81 -18.94
N LYS A 225 19.84 12.69 -18.03
CA LYS A 225 20.18 12.37 -16.64
C LYS A 225 18.92 12.14 -15.81
N ILE A 226 17.86 12.88 -16.13
CA ILE A 226 16.73 13.08 -15.25
C ILE A 226 15.72 11.95 -15.38
N PRO A 227 15.30 11.35 -14.24
CA PRO A 227 14.38 10.23 -14.18
C PRO A 227 12.93 10.67 -14.34
N TYR A 228 12.03 9.71 -14.45
CA TYR A 228 10.61 10.04 -14.47
C TYR A 228 10.21 10.53 -13.08
N LEU A 229 9.30 11.51 -13.01
CA LEU A 229 8.94 12.16 -11.75
C LEU A 229 10.17 12.64 -10.99
N GLY A 230 11.28 12.77 -11.72
CA GLY A 230 12.47 13.41 -11.20
C GLY A 230 11.98 14.71 -10.61
N PHE A 231 12.53 15.10 -9.46
CA PHE A 231 11.88 16.13 -8.68
C PHE A 231 12.91 17.00 -8.01
N CYS A 232 12.84 18.31 -8.22
CA CYS A 232 13.68 19.24 -7.44
C CYS A 232 12.92 20.47 -6.97
N SER A 233 13.47 21.18 -5.98
CA SER A 233 12.77 22.31 -5.36
C SER A 233 13.61 23.58 -5.13
N CYS A 234 12.91 24.71 -5.15
CA CYS A 234 13.53 26.00 -4.88
C CYS A 234 12.80 26.76 -3.79
N GLU A 235 13.58 27.46 -2.98
CA GLU A 235 13.06 28.27 -1.87
C GLU A 235 13.42 29.75 -2.05
N GLU A 236 12.45 30.63 -1.84
CA GLU A 236 12.70 32.07 -1.88
C GLU A 236 12.98 32.62 -0.46
N LEU A 237 14.15 33.24 -0.29
CA LEU A 237 14.48 33.97 0.96
C LEU A 237 13.87 35.39 1.01
N GLY A 238 13.17 35.67 2.10
CA GLY A 238 12.36 36.89 2.22
C GLY A 238 11.35 36.93 1.10
N GLU A 239 11.00 38.13 0.65
CA GLU A 239 10.44 38.31 -0.69
C GLU A 239 11.40 39.26 -1.39
N THR A 240 12.68 38.88 -1.31
CA THR A 240 13.79 39.62 -1.91
C THR A 240 13.96 39.22 -3.37
N GLY A 241 13.29 38.14 -3.76
CA GLY A 241 13.28 37.71 -5.16
C GLY A 241 14.38 36.74 -5.51
N ILE A 242 15.21 36.39 -4.53
CA ILE A 242 16.33 35.48 -4.76
C ILE A 242 16.00 34.04 -4.40
N TRP A 243 16.13 33.15 -5.37
CA TRP A 243 15.84 31.75 -5.11
C TRP A 243 17.10 30.95 -4.90
N GLN A 244 16.94 29.86 -4.16
CA GLN A 244 18.04 28.94 -3.90
C GLN A 244 17.62 27.49 -3.93
N LEU A 245 18.56 26.63 -4.32
CA LEU A 245 18.38 25.18 -4.32
C LEU A 245 18.09 24.68 -2.89
N THR A 246 17.40 23.54 -2.81
CA THR A 246 16.87 23.03 -1.53
C THR A 246 16.63 21.52 -1.61
N ASP A 247 16.80 20.83 -0.49
CA ASP A 247 16.50 19.40 -0.42
C ASP A 247 15.01 19.23 -0.60
N PRO A 248 14.61 18.27 -1.44
CA PRO A 248 13.19 18.15 -1.74
C PRO A 248 12.40 17.75 -0.50
N PRO A 249 11.09 18.03 -0.50
CA PRO A 249 10.36 17.68 0.72
C PRO A 249 9.95 16.22 0.74
N ILE A 250 10.34 15.45 -0.27
CA ILE A 250 9.92 14.05 -0.38
C ILE A 250 11.07 13.17 -0.84
N LEU A 251 11.04 11.91 -0.45
CA LEU A 251 12.04 10.90 -0.88
C LEU A 251 12.11 10.72 -2.39
N PRO A 252 13.30 10.40 -2.92
CA PRO A 252 13.36 10.11 -4.35
C PRO A 252 12.66 8.79 -4.70
N LEU A 253 12.34 8.60 -5.98
CA LEU A 253 11.70 7.37 -6.47
C LEU A 253 12.53 6.62 -7.50
N THR A 254 13.02 5.45 -7.12
CA THR A 254 13.81 4.62 -8.03
C THR A 254 13.20 3.26 -8.15
N HIS A 255 13.11 2.74 -9.37
CA HIS A 255 12.75 1.35 -9.61
C HIS A 255 13.27 0.89 -10.97
N GLY A 256 13.36 -0.43 -11.15
CA GLY A 256 13.89 -1.01 -12.39
C GLY A 256 12.80 -1.43 -13.38
N PRO A 257 13.16 -2.24 -14.38
CA PRO A 257 12.18 -2.66 -15.39
C PRO A 257 11.59 -3.99 -15.06
N THR A 258 10.51 -4.36 -15.71
CA THR A 258 10.09 -5.77 -15.63
C THR A 258 11.23 -6.66 -16.10
N GLY A 259 11.93 -6.23 -17.14
CA GLY A 259 13.19 -6.90 -17.50
C GLY A 259 13.06 -8.26 -18.28
N GLY A 260 14.12 -9.05 -18.20
CA GLY A 260 14.11 -10.40 -18.80
C GLY A 260 14.23 -10.40 -20.33
N PHE A 261 13.14 -10.71 -21.00
CA PHE A 261 13.11 -10.63 -22.46
C PHE A 261 11.91 -9.77 -22.69
N ASN A 262 12.06 -8.72 -23.49
CA ASN A 262 10.91 -8.05 -24.10
C ASN A 262 10.04 -8.95 -25.01
N TRP A 263 10.59 -10.08 -25.49
CA TRP A 263 9.88 -10.92 -26.46
C TRP A 263 10.32 -12.38 -26.49
N ARG A 264 9.36 -13.30 -26.62
CA ARG A 264 9.68 -14.73 -26.62
C ARG A 264 9.04 -15.60 -27.74
N GLU A 265 9.40 -16.88 -27.76
CA GLU A 265 8.94 -17.89 -28.78
C GLU A 265 9.30 -17.50 -30.20
N LYS B 4 -10.51 -29.02 -18.49
CA LYS B 4 -10.41 -27.70 -17.81
C LYS B 4 -9.76 -27.83 -16.46
N ARG B 5 -8.44 -27.91 -16.46
CA ARG B 5 -7.72 -27.63 -15.26
C ARG B 5 -6.44 -26.96 -15.64
N CYS B 6 -6.02 -26.05 -14.78
CA CYS B 6 -4.97 -25.14 -15.14
C CYS B 6 -3.96 -25.02 -14.06
N LEU B 7 -2.71 -25.06 -14.48
CA LEU B 7 -1.63 -24.70 -13.60
C LEU B 7 -1.07 -23.42 -14.15
N PHE B 8 -1.08 -22.37 -13.33
CA PHE B 8 -0.42 -21.13 -13.68
C PHE B 8 0.82 -21.04 -12.80
N VAL B 9 1.95 -20.72 -13.42
CA VAL B 9 3.21 -20.58 -12.71
C VAL B 9 3.80 -19.25 -13.09
N CYS B 10 4.01 -18.41 -12.08
CA CYS B 10 4.56 -17.07 -12.32
C CYS B 10 5.66 -16.71 -11.32
N ARG B 11 6.52 -15.78 -11.75
CA ARG B 11 7.67 -15.35 -10.97
C ARG B 11 7.31 -14.20 -10.02
N HIS B 12 8.00 -14.11 -8.89
CA HIS B 12 7.80 -13.01 -7.92
C HIS B 12 8.03 -11.68 -8.59
N GLY B 13 7.61 -10.60 -7.90
CA GLY B 13 7.77 -9.23 -8.38
C GLY B 13 9.10 -8.60 -8.01
N GLU B 14 9.25 -7.31 -8.34
CA GLU B 14 10.53 -6.60 -8.15
C GLU B 14 11.10 -6.62 -6.72
N ARG B 15 12.39 -6.87 -6.66
CA ARG B 15 13.08 -7.33 -5.47
C ARG B 15 14.08 -6.24 -4.97
N MET B 16 14.04 -5.90 -3.66
CA MET B 16 14.89 -4.86 -3.01
C MET B 16 16.38 -4.85 -3.38
N ASP B 17 17.02 -6.00 -3.16
CA ASP B 17 18.46 -6.12 -3.36
C ASP B 17 18.89 -6.00 -4.81
N VAL B 18 17.96 -5.89 -5.75
CA VAL B 18 18.39 -5.72 -7.14
C VAL B 18 18.35 -4.25 -7.47
N VAL B 19 17.28 -3.58 -7.06
CA VAL B 19 17.15 -2.16 -7.30
C VAL B 19 18.17 -1.47 -6.45
N PHE B 20 18.20 -1.81 -5.17
CA PHE B 20 19.09 -1.11 -4.26
C PHE B 20 20.38 -1.87 -3.99
N GLY B 21 20.48 -3.03 -4.63
CA GLY B 21 21.75 -3.77 -4.67
C GLY B 21 22.05 -4.47 -3.37
N LYS B 22 23.23 -5.07 -3.31
CA LYS B 22 23.55 -5.98 -2.23
C LYS B 22 23.41 -5.40 -0.81
N TYR B 23 23.71 -4.12 -0.66
CA TYR B 23 23.88 -3.55 0.68
C TYR B 23 22.74 -2.65 1.09
N TRP B 24 21.62 -2.81 0.41
CA TRP B 24 20.42 -2.01 0.62
C TRP B 24 20.05 -1.91 2.09
N LEU B 25 20.43 -2.92 2.86
CA LEU B 25 20.21 -2.94 4.29
C LEU B 25 20.78 -1.74 5.01
N SER B 26 22.02 -1.38 4.67
CA SER B 26 22.62 -0.19 5.28
C SER B 26 21.94 1.09 4.78
N GLN B 27 21.19 0.99 3.69
CA GLN B 27 20.45 2.14 3.18
C GLN B 27 19.11 2.34 3.86
N CYS B 28 18.59 1.36 4.59
CA CYS B 28 17.29 1.61 5.24
C CYS B 28 17.14 1.19 6.69
N PHE B 29 18.21 0.65 7.28
CA PHE B 29 18.28 0.37 8.71
C PHE B 29 19.40 1.17 9.37
N ASP B 30 19.06 1.90 10.43
CA ASP B 30 20.07 2.61 11.19
C ASP B 30 20.76 1.66 12.19
N ALA B 31 21.63 2.20 13.03
CA ALA B 31 22.38 1.38 14.00
C ALA B 31 21.50 0.70 15.04
N LYS B 32 20.40 1.35 15.41
CA LYS B 32 19.48 0.79 16.39
C LYS B 32 18.57 -0.27 15.78
N GLY B 33 18.55 -0.33 14.46
CA GLY B 33 17.78 -1.34 13.75
C GLY B 33 16.45 -0.81 13.30
N ARG B 34 16.28 0.51 13.35
CA ARG B 34 15.06 1.13 12.86
C ARG B 34 15.06 1.24 11.36
N TYR B 35 13.90 1.00 10.77
CA TYR B 35 13.74 1.11 9.34
C TYR B 35 13.43 2.57 8.99
N ILE B 36 14.25 3.15 8.12
CA ILE B 36 14.02 4.49 7.64
C ILE B 36 14.08 4.41 6.11
N ARG B 37 12.93 4.46 5.45
CA ARG B 37 12.94 4.34 4.00
C ARG B 37 13.64 5.56 3.41
N THR B 38 14.36 5.36 2.31
CA THR B 38 15.13 6.46 1.74
C THR B 38 14.76 6.66 0.30
N ASN B 39 13.70 5.98 -0.14
CA ASN B 39 13.26 5.97 -1.51
C ASN B 39 11.77 5.61 -1.56
N LEU B 40 11.04 6.20 -2.50
CA LEU B 40 9.61 5.96 -2.61
C LEU B 40 9.28 4.54 -3.07
N ASN B 41 10.24 3.83 -3.65
CA ASN B 41 10.05 2.44 -4.06
C ASN B 41 10.27 1.46 -2.90
N MET B 42 10.45 1.99 -1.69
CA MET B 42 10.64 1.20 -0.49
C MET B 42 9.36 1.27 0.30
N PRO B 43 8.86 0.11 0.77
CA PRO B 43 7.57 0.02 1.44
C PRO B 43 7.56 0.87 2.71
N HIS B 44 6.39 1.28 3.16
CA HIS B 44 6.31 2.10 4.37
C HIS B 44 6.79 1.36 5.61
N SER B 45 6.68 0.04 5.60
CA SER B 45 7.24 -0.75 6.68
C SER B 45 7.59 -2.16 6.21
N LEU B 46 8.56 -2.76 6.89
CA LEU B 46 8.97 -4.13 6.64
C LEU B 46 8.57 -4.99 7.84
N PRO B 47 8.27 -6.29 7.61
CA PRO B 47 7.90 -7.21 8.69
C PRO B 47 9.04 -7.49 9.64
N GLN B 48 8.70 -7.59 10.92
CA GLN B 48 9.64 -7.98 11.98
C GLN B 48 10.12 -9.41 11.77
N ARG B 49 11.39 -9.58 11.45
CA ARG B 49 11.92 -10.94 11.39
C ARG B 49 12.44 -11.32 12.76
N SER B 50 11.95 -12.44 13.27
CA SER B 50 12.27 -12.88 14.62
C SER B 50 13.77 -12.99 14.92
N GLY B 51 14.59 -13.01 13.87
CA GLY B 51 16.04 -13.06 14.06
C GLY B 51 16.77 -11.72 13.95
N GLY B 52 16.02 -10.64 13.73
CA GLY B 52 16.61 -9.32 13.53
C GLY B 52 16.61 -8.89 12.06
N PHE B 53 16.89 -7.61 11.82
CA PHE B 53 16.87 -7.09 10.44
C PHE B 53 17.92 -7.75 9.54
N ARG B 54 18.88 -8.42 10.15
CA ARG B 54 20.00 -9.03 9.43
C ARG B 54 19.54 -10.21 8.55
N ASP B 55 18.45 -10.85 8.95
CA ASP B 55 17.92 -12.02 8.23
C ASP B 55 17.46 -11.69 6.80
N TYR B 56 17.09 -10.43 6.58
CA TYR B 56 16.70 -9.95 5.25
C TYR B 56 17.80 -10.15 4.21
N GLU B 57 19.04 -10.29 4.66
CA GLU B 57 20.13 -10.31 3.70
C GLU B 57 20.00 -11.44 2.69
N LYS B 58 19.62 -12.62 3.14
CA LYS B 58 19.48 -13.77 2.26
C LYS B 58 18.04 -14.03 1.81
N ASP B 59 17.16 -13.08 2.12
CA ASP B 59 15.72 -13.20 1.86
C ASP B 59 15.14 -11.78 1.78
N ALA B 60 15.37 -11.13 0.63
CA ALA B 60 14.95 -9.75 0.44
C ALA B 60 13.45 -9.67 0.16
N PRO B 61 12.80 -8.54 0.54
CA PRO B 61 11.42 -8.36 0.19
C PRO B 61 11.29 -7.69 -1.16
N ILE B 62 10.05 -7.63 -1.64
CA ILE B 62 9.74 -6.92 -2.87
C ILE B 62 9.55 -5.42 -2.63
N THR B 63 9.78 -4.64 -3.68
CA THR B 63 9.71 -3.19 -3.64
C THR B 63 8.26 -2.76 -3.75
N VAL B 64 7.98 -1.45 -3.71
CA VAL B 64 6.60 -0.99 -3.85
C VAL B 64 6.10 -1.30 -5.26
N PHE B 65 6.90 -1.00 -6.28
CA PHE B 65 6.50 -1.39 -7.64
C PHE B 65 6.40 -2.92 -7.82
N GLY B 66 7.10 -3.65 -6.97
CA GLY B 66 6.87 -5.08 -6.76
C GLY B 66 5.43 -5.40 -6.46
N CYS B 67 4.86 -4.78 -5.43
CA CYS B 67 3.41 -4.92 -5.15
C CYS B 67 2.55 -4.56 -6.32
N MET B 68 2.81 -3.43 -6.98
CA MET B 68 1.98 -3.02 -8.12
C MET B 68 1.95 -4.14 -9.15
N GLN B 69 3.10 -4.66 -9.53
CA GLN B 69 3.13 -5.69 -10.57
C GLN B 69 2.18 -6.83 -10.22
N ALA B 70 2.31 -7.31 -8.98
CA ALA B 70 1.51 -8.42 -8.50
C ALA B 70 0.02 -8.08 -8.50
N ARG B 71 -0.34 -6.89 -7.97
CA ARG B 71 -1.72 -6.41 -7.94
C ARG B 71 -2.28 -6.49 -9.36
N LEU B 72 -1.57 -5.86 -10.30
CA LEU B 72 -2.02 -5.85 -11.68
C LEU B 72 -2.30 -7.25 -12.21
N VAL B 73 -1.43 -8.19 -11.89
CA VAL B 73 -1.65 -9.56 -12.30
C VAL B 73 -2.96 -10.12 -11.70
N GLY B 74 -3.13 -9.96 -10.39
CA GLY B 74 -4.37 -10.36 -9.74
C GLY B 74 -5.59 -9.79 -10.43
N GLU B 75 -5.56 -8.48 -10.65
CA GLU B 75 -6.70 -7.80 -11.25
C GLU B 75 -6.94 -8.31 -12.63
N ALA B 76 -5.86 -8.40 -13.40
CA ALA B 76 -5.94 -9.03 -14.73
C ALA B 76 -6.66 -10.36 -14.64
N LEU B 77 -6.27 -11.18 -13.68
CA LEU B 77 -6.84 -12.50 -13.51
C LEU B 77 -8.33 -12.42 -13.26
N LEU B 78 -8.74 -11.53 -12.36
CA LEU B 78 -10.15 -11.30 -12.08
C LEU B 78 -10.93 -10.78 -13.28
N GLU B 79 -10.36 -9.85 -14.04
CA GLU B 79 -11.04 -9.32 -15.24
C GLU B 79 -11.28 -10.43 -16.25
N SER B 80 -10.36 -11.37 -16.34
CA SER B 80 -10.52 -12.49 -17.27
C SER B 80 -11.40 -13.59 -16.69
N ASN B 81 -12.06 -13.29 -15.56
CA ASN B 81 -12.90 -14.25 -14.84
C ASN B 81 -12.23 -15.60 -14.67
N THR B 82 -10.94 -15.57 -14.36
CA THR B 82 -10.16 -16.77 -14.12
C THR B 82 -10.19 -17.05 -12.61
N VAL B 83 -10.82 -18.14 -12.21
CA VAL B 83 -10.88 -18.50 -10.80
C VAL B 83 -9.66 -19.33 -10.39
N ILE B 84 -9.09 -18.98 -9.26
CA ILE B 84 -7.97 -19.70 -8.67
C ILE B 84 -8.48 -20.43 -7.43
N ASP B 85 -8.12 -21.70 -7.30
CA ASP B 85 -8.64 -22.52 -6.20
C ASP B 85 -7.61 -22.80 -5.13
N HIS B 86 -6.38 -23.01 -5.56
CA HIS B 86 -5.29 -23.25 -4.62
C HIS B 86 -4.12 -22.38 -5.06
N VAL B 87 -3.42 -21.78 -4.11
CA VAL B 87 -2.23 -20.98 -4.44
C VAL B 87 -1.04 -21.39 -3.56
N TYR B 88 0.01 -21.83 -4.23
CA TYR B 88 1.24 -22.23 -3.57
C TYR B 88 2.32 -21.20 -3.87
N CYS B 89 3.29 -21.06 -2.97
CA CYS B 89 4.46 -20.23 -3.26
C CYS B 89 5.73 -20.80 -2.65
N SER B 90 6.89 -20.36 -3.16
CA SER B 90 8.18 -20.66 -2.57
C SER B 90 8.24 -20.02 -1.18
N PRO B 91 9.14 -20.48 -0.29
CA PRO B 91 9.15 -19.79 1.00
C PRO B 91 9.88 -18.44 1.01
N SER B 92 10.56 -18.05 -0.08
CA SER B 92 11.21 -16.73 -0.07
C SER B 92 10.17 -15.68 0.25
N LEU B 93 10.57 -14.65 0.99
CA LEU B 93 9.59 -13.63 1.38
C LEU B 93 9.05 -12.98 0.15
N ARG B 94 9.93 -12.67 -0.79
CA ARG B 94 9.51 -12.09 -2.06
C ARG B 94 8.40 -12.89 -2.73
N CYS B 95 8.44 -14.22 -2.63
CA CYS B 95 7.39 -15.02 -3.24
C CYS B 95 6.06 -14.91 -2.48
N VAL B 96 6.13 -15.11 -1.18
CA VAL B 96 4.98 -14.94 -0.31
C VAL B 96 4.31 -13.58 -0.56
N GLN B 97 5.10 -12.52 -0.55
CA GLN B 97 4.53 -11.20 -0.75
C GLN B 97 3.86 -11.06 -2.10
N THR B 98 4.48 -11.61 -3.14
CA THR B 98 3.85 -11.58 -4.46
C THR B 98 2.53 -12.35 -4.45
N ALA B 99 2.52 -13.55 -3.87
CA ALA B 99 1.25 -14.29 -3.77
C ALA B 99 0.18 -13.47 -3.03
N HIS B 100 0.56 -12.83 -1.91
CA HIS B 100 -0.42 -12.07 -1.12
C HIS B 100 -1.06 -11.00 -1.97
N ASN B 101 -0.22 -10.26 -2.67
CA ASN B 101 -0.66 -9.16 -3.53
C ASN B 101 -1.42 -9.58 -4.79
N ILE B 102 -1.09 -10.75 -5.36
CA ILE B 102 -1.96 -11.31 -6.38
C ILE B 102 -3.34 -11.52 -5.80
N LEU B 103 -3.42 -12.16 -4.63
CA LEU B 103 -4.73 -12.40 -4.02
C LEU B 103 -5.54 -11.11 -3.79
N LYS B 104 -4.86 -10.01 -3.51
CA LYS B 104 -5.59 -8.76 -3.35
C LYS B 104 -6.27 -8.32 -4.65
N GLY B 105 -5.50 -8.26 -5.74
CA GLY B 105 -6.03 -7.85 -7.03
C GLY B 105 -7.18 -8.75 -7.43
N LEU B 106 -7.03 -10.02 -7.07
CA LEU B 106 -8.01 -11.04 -7.35
C LEU B 106 -9.24 -10.88 -6.47
N GLN B 107 -9.11 -10.08 -5.42
CA GLN B 107 -10.14 -9.91 -4.38
C GLN B 107 -10.45 -11.25 -3.71
N GLN B 108 -9.42 -11.83 -3.10
CA GLN B 108 -9.47 -13.19 -2.54
C GLN B 108 -8.57 -13.38 -1.33
N ASP B 109 -7.93 -12.31 -0.87
CA ASP B 109 -6.93 -12.38 0.20
C ASP B 109 -7.44 -12.89 1.54
N ASN B 110 -8.70 -12.63 1.86
CA ASN B 110 -9.28 -13.25 3.05
C ASN B 110 -10.35 -14.33 2.77
N HIS B 111 -10.36 -14.86 1.54
CA HIS B 111 -11.05 -16.12 1.26
C HIS B 111 -10.04 -17.26 0.98
N LEU B 112 -8.96 -16.95 0.28
CA LEU B 112 -8.00 -17.96 -0.15
C LEU B 112 -6.73 -17.85 0.67
N LYS B 113 -6.00 -18.97 0.79
CA LYS B 113 -4.86 -19.02 1.69
C LYS B 113 -3.64 -19.67 1.10
N ILE B 114 -2.54 -18.92 1.11
CA ILE B 114 -1.33 -19.37 0.46
C ILE B 114 -0.65 -20.55 1.16
N ARG B 115 -0.26 -21.53 0.36
CA ARG B 115 0.40 -22.70 0.87
C ARG B 115 1.87 -22.64 0.58
N VAL B 116 2.63 -22.31 1.61
CA VAL B 116 4.06 -22.14 1.51
C VAL B 116 4.71 -23.51 1.40
N GLU B 117 5.37 -23.73 0.27
CA GLU B 117 5.95 -25.02 -0.06
C GLU B 117 7.46 -24.89 -0.32
N PRO B 118 8.27 -25.27 0.69
CA PRO B 118 9.72 -25.17 0.57
C PRO B 118 10.27 -25.94 -0.63
N GLY B 119 9.52 -26.94 -1.09
CA GLY B 119 9.86 -27.66 -2.31
C GLY B 119 9.82 -26.79 -3.57
N LEU B 120 9.09 -25.67 -3.52
CA LEU B 120 9.06 -24.73 -4.66
C LEU B 120 10.26 -23.79 -4.72
N PHE B 121 11.13 -23.82 -3.70
CA PHE B 121 12.26 -22.88 -3.64
C PHE B 121 13.26 -23.11 -4.79
N GLU B 122 13.99 -22.05 -5.14
CA GLU B 122 14.85 -22.07 -6.32
C GLU B 122 16.07 -22.95 -6.11
N TRP B 123 16.79 -23.22 -7.19
CA TRP B 123 18.02 -24.00 -7.16
C TRP B 123 18.97 -23.45 -6.09
N THR B 124 19.29 -24.29 -5.10
CA THR B 124 19.99 -23.88 -3.88
C THR B 124 21.44 -23.43 -4.06
N LYS B 125 21.93 -23.53 -5.29
CA LYS B 125 23.21 -22.97 -5.70
C LYS B 125 23.21 -21.44 -5.56
N TRP B 126 22.12 -20.81 -5.99
CA TRP B 126 22.01 -19.35 -5.98
C TRP B 126 21.82 -18.75 -4.59
N VAL B 127 21.94 -19.60 -3.58
CA VAL B 127 22.00 -19.14 -2.20
C VAL B 127 23.46 -18.85 -1.86
N ALA B 128 23.79 -17.56 -1.94
CA ALA B 128 25.04 -17.04 -1.40
C ALA B 128 25.08 -17.36 0.08
N GLY B 129 26.20 -17.92 0.53
CA GLY B 129 26.35 -18.28 1.92
C GLY B 129 26.48 -19.77 2.01
N SER B 130 26.92 -20.24 3.18
CA SER B 130 27.09 -21.65 3.46
C SER B 130 25.78 -22.28 3.93
N THR B 131 24.80 -21.41 4.21
CA THR B 131 23.59 -21.78 4.95
C THR B 131 22.31 -21.19 4.34
N LEU B 132 21.26 -22.02 4.26
CA LEU B 132 19.97 -21.62 3.67
C LEU B 132 19.35 -20.41 4.37
N PRO B 133 18.59 -19.59 3.61
CA PRO B 133 17.99 -18.38 4.18
C PRO B 133 17.14 -18.69 5.40
N ALA B 134 17.01 -17.70 6.29
CA ALA B 134 16.17 -17.85 7.46
C ALA B 134 14.76 -17.42 7.07
N TRP B 135 14.05 -18.33 6.43
CA TRP B 135 12.71 -18.05 5.99
C TRP B 135 11.80 -17.79 7.18
N ILE B 136 10.80 -16.94 6.95
CA ILE B 136 9.78 -16.68 7.93
C ILE B 136 8.81 -17.86 7.86
N PRO B 137 8.61 -18.56 9.00
CA PRO B 137 7.73 -19.74 9.00
C PRO B 137 6.31 -19.27 8.76
N PRO B 138 5.44 -20.14 8.19
CA PRO B 138 4.08 -19.67 7.94
C PRO B 138 3.42 -18.88 9.07
N SER B 139 3.29 -19.41 10.27
CA SER B 139 2.57 -18.67 11.34
C SER B 139 3.10 -17.26 11.69
N GLU B 140 4.41 -17.05 11.60
CA GLU B 140 4.98 -15.70 11.70
C GLU B 140 4.54 -14.83 10.51
N LEU B 141 4.29 -15.49 9.38
CA LEU B 141 3.88 -14.82 8.14
C LEU B 141 2.44 -14.33 8.21
N ALA B 142 1.52 -15.15 8.72
CA ALA B 142 0.14 -14.72 8.94
C ALA B 142 0.17 -13.54 9.89
N ALA B 143 0.72 -13.77 11.07
CA ALA B 143 1.05 -12.70 12.00
C ALA B 143 1.64 -11.42 11.33
N ALA B 144 2.22 -11.54 10.14
CA ALA B 144 2.74 -10.35 9.42
C ALA B 144 1.80 -9.84 8.31
N ASN B 145 0.54 -10.24 8.37
CA ASN B 145 -0.50 -9.82 7.41
C ASN B 145 -0.33 -10.38 6.00
N LEU B 146 0.17 -11.60 5.90
CA LEU B 146 0.17 -12.28 4.61
C LEU B 146 -0.81 -13.44 4.72
N SER B 147 -1.52 -13.75 3.64
CA SER B 147 -2.60 -14.71 3.71
C SER B 147 -2.14 -16.15 3.49
N VAL B 148 -1.25 -16.61 4.37
CA VAL B 148 -0.75 -17.97 4.26
C VAL B 148 -1.60 -18.96 5.05
N ASP B 149 -1.47 -20.24 4.71
CA ASP B 149 -2.19 -21.28 5.41
C ASP B 149 -1.24 -21.87 6.46
N THR B 150 -1.59 -21.73 7.73
CA THR B 150 -0.79 -22.31 8.81
C THR B 150 -1.07 -23.82 8.91
N THR B 151 -2.23 -24.23 8.41
CA THR B 151 -2.67 -25.63 8.36
C THR B 151 -1.86 -26.50 7.40
N TYR B 152 -1.24 -25.87 6.40
CA TYR B 152 -0.61 -26.60 5.31
C TYR B 152 0.60 -27.40 5.77
N ARG B 153 0.62 -28.68 5.44
CA ARG B 153 1.81 -29.50 5.68
C ARG B 153 2.58 -29.69 4.37
N PRO B 154 3.82 -29.17 4.31
CA PRO B 154 4.67 -29.12 3.12
C PRO B 154 5.05 -30.51 2.58
N HIS B 155 5.23 -30.61 1.26
CA HIS B 155 5.65 -31.88 0.63
C HIS B 155 7.14 -32.12 0.81
N ILE B 156 7.93 -31.07 0.63
CA ILE B 156 9.32 -31.07 1.02
C ILE B 156 9.44 -30.01 2.10
N PRO B 157 9.59 -30.41 3.37
CA PRO B 157 9.82 -29.37 4.38
C PRO B 157 11.24 -28.83 4.29
N VAL B 158 11.54 -27.80 5.07
CA VAL B 158 12.83 -27.09 5.00
C VAL B 158 14.02 -28.03 5.12
N SER B 159 14.00 -28.84 6.18
CA SER B 159 15.08 -29.78 6.50
C SER B 159 15.39 -30.81 5.40
N LYS B 160 14.48 -30.95 4.45
CA LYS B 160 14.68 -31.90 3.36
C LYS B 160 15.31 -31.23 2.14
N LEU B 161 15.83 -30.02 2.32
CA LEU B 161 16.47 -29.29 1.25
C LEU B 161 17.97 -29.24 1.41
N ALA B 162 18.66 -29.77 0.40
CA ALA B 162 20.12 -29.78 0.40
C ALA B 162 20.67 -28.42 -0.01
N ILE B 163 21.58 -27.89 0.79
CA ILE B 163 22.30 -26.66 0.46
C ILE B 163 23.27 -27.00 -0.66
N SER B 164 23.46 -26.07 -1.60
CA SER B 164 24.32 -26.29 -2.76
C SER B 164 24.05 -27.66 -3.40
N GLU B 165 22.82 -27.87 -3.84
CA GLU B 165 22.35 -29.18 -4.30
C GLU B 165 22.69 -29.43 -5.77
N SER B 166 22.48 -30.65 -6.23
CA SER B 166 22.70 -30.98 -7.64
C SER B 166 21.65 -30.37 -8.54
N TYR B 167 22.04 -30.02 -9.76
CA TYR B 167 21.11 -29.45 -10.72
C TYR B 167 19.88 -30.31 -10.96
N ASP B 168 20.06 -31.58 -11.36
CA ASP B 168 18.89 -32.41 -11.59
C ASP B 168 18.19 -32.89 -10.30
N THR B 169 18.85 -32.74 -9.16
CA THR B 169 18.13 -32.79 -7.88
C THR B 169 17.08 -31.68 -7.86
N TYR B 170 17.51 -30.44 -8.18
CA TYR B 170 16.58 -29.31 -8.26
C TYR B 170 15.47 -29.57 -9.28
N ILE B 171 15.85 -30.09 -10.44
CA ILE B 171 14.87 -30.38 -11.50
C ILE B 171 13.85 -31.39 -11.02
N ASN B 172 14.33 -32.41 -10.33
CA ASN B 172 13.50 -33.49 -9.82
C ASN B 172 12.50 -33.06 -8.80
N ARG B 173 12.97 -32.32 -7.81
CA ARG B 173 12.09 -31.90 -6.76
C ARG B 173 10.99 -31.03 -7.35
N SER B 174 11.35 -30.13 -8.27
CA SER B 174 10.37 -29.38 -9.06
C SER B 174 9.29 -30.27 -9.68
N PHE B 175 9.71 -31.31 -10.40
CA PHE B 175 8.77 -32.20 -11.04
C PHE B 175 7.95 -32.95 -9.99
N GLN B 176 8.65 -33.42 -8.96
CA GLN B 176 8.03 -34.13 -7.85
C GLN B 176 7.01 -33.25 -7.11
N VAL B 177 7.41 -32.05 -6.71
CA VAL B 177 6.55 -31.14 -5.95
C VAL B 177 5.30 -30.74 -6.75
N THR B 178 5.51 -30.27 -7.98
CA THR B 178 4.42 -29.91 -8.89
C THR B 178 3.43 -31.07 -9.05
N LYS B 179 3.96 -32.29 -9.06
CA LYS B 179 3.19 -33.51 -9.24
C LYS B 179 2.25 -33.76 -8.06
N GLU B 180 2.78 -33.62 -6.84
CA GLU B 180 2.03 -33.77 -5.60
C GLU B 180 1.01 -32.65 -5.43
N ILE B 181 1.35 -31.49 -5.98
CA ILE B 181 0.48 -30.33 -5.90
C ILE B 181 -0.74 -30.55 -6.79
N ILE B 182 -0.50 -31.02 -8.00
CA ILE B 182 -1.57 -31.25 -8.97
C ILE B 182 -2.59 -32.29 -8.48
N SER B 183 -2.10 -33.27 -7.72
CA SER B 183 -2.95 -34.37 -7.28
C SER B 183 -3.66 -34.15 -5.93
N GLU B 184 -3.02 -33.43 -5.01
CA GLU B 184 -3.67 -33.07 -3.74
C GLU B 184 -4.72 -31.96 -3.95
N CYS B 185 -4.80 -31.43 -5.17
CA CYS B 185 -5.81 -30.43 -5.53
C CYS B 185 -6.86 -30.97 -6.50
N LYS B 186 -6.74 -32.24 -6.88
CA LYS B 186 -7.60 -32.80 -7.93
C LYS B 186 -9.08 -32.87 -7.55
N SER B 187 -9.41 -33.68 -6.55
CA SER B 187 -10.80 -33.85 -6.09
C SER B 187 -11.41 -32.52 -5.61
N LYS B 188 -10.58 -31.49 -5.51
CA LYS B 188 -10.89 -30.29 -4.73
C LYS B 188 -10.98 -29.00 -5.57
N GLY B 189 -11.38 -29.11 -6.84
CA GLY B 189 -11.52 -27.91 -7.71
C GLY B 189 -10.41 -27.69 -8.73
N ASN B 190 -10.65 -26.79 -9.69
CA ASN B 190 -9.81 -26.64 -10.89
C ASN B 190 -8.43 -25.94 -10.75
N ASN B 191 -8.37 -24.63 -11.02
CA ASN B 191 -7.11 -23.89 -11.23
C ASN B 191 -6.13 -23.75 -10.07
N ILE B 192 -4.86 -24.05 -10.35
CA ILE B 192 -3.77 -23.94 -9.37
C ILE B 192 -2.81 -22.80 -9.74
N LEU B 193 -2.48 -21.96 -8.77
CA LEU B 193 -1.46 -20.94 -8.97
C LEU B 193 -0.23 -21.18 -8.09
N ILE B 194 0.93 -21.23 -8.73
CA ILE B 194 2.23 -21.27 -8.05
C ILE B 194 2.96 -19.95 -8.27
N VAL B 195 3.41 -19.33 -7.18
CA VAL B 195 4.19 -18.10 -7.24
C VAL B 195 5.62 -18.43 -6.80
N ALA B 196 6.59 -18.34 -7.69
CA ALA B 196 7.94 -18.73 -7.27
C ALA B 196 9.07 -17.95 -7.91
N HIS B 197 9.95 -18.66 -8.61
CA HIS B 197 11.17 -18.06 -9.14
C HIS B 197 11.29 -18.20 -10.64
N ALA B 198 12.21 -17.45 -11.22
CA ALA B 198 12.51 -17.56 -12.64
C ALA B 198 12.73 -19.03 -13.02
N SER B 199 13.61 -19.72 -12.31
CA SER B 199 13.89 -21.12 -12.59
C SER B 199 12.64 -22.01 -12.52
N SER B 200 11.65 -21.58 -11.72
CA SER B 200 10.48 -22.41 -11.45
C SER B 200 9.55 -22.56 -12.63
N LEU B 201 9.58 -21.58 -13.53
CA LEU B 201 8.73 -21.61 -14.70
C LEU B 201 9.07 -22.83 -15.59
N GLU B 202 10.35 -22.98 -15.91
CA GLU B 202 10.86 -24.12 -16.68
C GLU B 202 10.79 -25.42 -15.87
N ALA B 203 11.49 -25.42 -14.73
CA ALA B 203 11.62 -26.60 -13.89
C ALA B 203 10.30 -27.27 -13.51
N CYS B 204 9.30 -26.48 -13.08
CA CYS B 204 8.00 -27.00 -12.63
C CYS B 204 7.17 -27.64 -13.73
N THR B 205 7.19 -27.02 -14.90
CA THR B 205 6.33 -27.44 -16.01
C THR B 205 6.98 -28.46 -16.98
N CYS B 206 8.28 -28.28 -17.26
CA CYS B 206 8.97 -28.99 -18.33
C CYS B 206 8.61 -30.48 -18.52
N GLN B 207 8.87 -31.29 -17.49
CA GLN B 207 8.65 -32.73 -17.57
C GLN B 207 7.17 -33.11 -17.47
N LEU B 208 6.37 -32.17 -16.98
CA LEU B 208 4.91 -32.32 -16.96
C LEU B 208 4.35 -32.47 -18.37
N GLN B 209 4.99 -31.82 -19.34
CA GLN B 209 4.62 -31.95 -20.76
C GLN B 209 5.41 -33.06 -21.46
N GLY B 210 6.22 -33.79 -20.68
CA GLY B 210 7.02 -34.91 -21.22
C GLY B 210 8.30 -34.49 -21.93
N LEU B 211 8.63 -33.21 -21.84
CA LEU B 211 9.86 -32.70 -22.45
C LEU B 211 11.03 -32.86 -21.47
N SER B 212 12.20 -33.23 -21.97
CA SER B 212 13.39 -33.33 -21.11
C SER B 212 14.03 -31.96 -20.87
N PRO B 213 14.65 -31.78 -19.69
CA PRO B 213 15.23 -30.47 -19.32
C PRO B 213 16.46 -30.12 -20.16
N GLN B 214 16.69 -28.81 -20.35
CA GLN B 214 17.96 -28.35 -20.91
C GLN B 214 19.06 -28.71 -19.90
N ASN B 215 20.25 -29.12 -20.36
CA ASN B 215 21.32 -29.30 -19.38
C ASN B 215 21.69 -27.97 -18.68
N SER B 216 22.40 -28.06 -17.57
CA SER B 216 22.59 -26.94 -16.63
C SER B 216 23.24 -25.65 -17.14
N LYS B 217 23.62 -25.61 -18.41
CA LYS B 217 24.23 -24.41 -19.01
C LYS B 217 23.22 -23.55 -19.79
N ASP B 218 22.46 -24.19 -20.67
CA ASP B 218 21.40 -23.53 -21.44
C ASP B 218 20.25 -23.07 -20.54
N PHE B 219 20.22 -23.63 -19.33
CA PHE B 219 19.18 -23.38 -18.33
C PHE B 219 19.29 -21.96 -17.80
N VAL B 220 20.42 -21.67 -17.17
CA VAL B 220 20.76 -20.35 -16.66
C VAL B 220 20.56 -19.26 -17.72
N GLN B 221 20.84 -19.57 -18.99
CA GLN B 221 20.49 -18.72 -20.13
C GLN B 221 18.99 -18.39 -20.11
N MET B 222 18.15 -19.43 -20.12
CA MET B 222 16.67 -19.29 -20.12
C MET B 222 16.09 -18.69 -18.81
N VAL B 223 16.85 -18.77 -17.73
CA VAL B 223 16.41 -18.27 -16.43
C VAL B 223 16.54 -16.76 -16.31
N ARG B 224 17.64 -16.19 -16.81
CA ARG B 224 17.80 -14.72 -16.82
C ARG B 224 16.92 -14.06 -17.91
N LYS B 225 16.16 -14.91 -18.61
CA LYS B 225 15.20 -14.56 -19.65
C LYS B 225 13.92 -13.99 -19.04
N ILE B 226 13.53 -14.55 -17.90
CA ILE B 226 12.19 -14.41 -17.34
C ILE B 226 12.04 -13.12 -16.55
N PRO B 227 10.97 -12.34 -16.85
CA PRO B 227 10.69 -11.04 -16.24
C PRO B 227 10.04 -11.20 -14.89
N TYR B 228 9.87 -10.12 -14.15
CA TYR B 228 9.12 -10.18 -12.91
C TYR B 228 7.65 -10.42 -13.23
N LEU B 229 6.95 -11.17 -12.37
CA LEU B 229 5.57 -11.63 -12.63
C LEU B 229 5.44 -12.26 -14.00
N GLY B 230 6.59 -12.68 -14.55
CA GLY B 230 6.60 -13.49 -15.76
C GLY B 230 5.61 -14.60 -15.48
N PHE B 231 4.83 -14.94 -16.48
CA PHE B 231 3.66 -15.75 -16.23
C PHE B 231 3.43 -16.75 -17.35
N CYS B 232 3.34 -18.04 -17.02
CA CYS B 232 2.91 -19.03 -18.03
C CYS B 232 1.90 -20.03 -17.49
N SER B 233 1.22 -20.73 -18.38
CA SER B 233 0.14 -21.64 -17.97
C SER B 233 0.12 -23.01 -18.64
N CYS B 234 -0.43 -23.98 -17.92
CA CYS B 234 -0.59 -25.35 -18.42
C CYS B 234 -2.01 -25.85 -18.28
N GLU B 235 -2.44 -26.61 -19.27
CA GLU B 235 -3.77 -27.19 -19.31
C GLU B 235 -3.71 -28.72 -19.33
N GLU B 236 -4.55 -29.37 -18.52
CA GLU B 236 -4.66 -30.82 -18.53
C GLU B 236 -5.81 -31.27 -19.44
N LEU B 237 -5.50 -32.12 -20.44
CA LEU B 237 -6.53 -32.75 -21.28
C LEU B 237 -7.14 -34.00 -20.63
N GLY B 238 -8.47 -34.02 -20.54
CA GLY B 238 -9.20 -35.05 -19.77
C GLY B 238 -8.74 -34.99 -18.33
N GLU B 239 -8.74 -36.15 -17.67
CA GLU B 239 -7.92 -36.34 -16.48
C GLU B 239 -7.00 -37.51 -16.82
N THR B 240 -6.38 -37.39 -17.98
CA THR B 240 -5.47 -38.39 -18.54
C THR B 240 -4.05 -38.17 -18.00
N GLY B 241 -3.86 -37.05 -17.33
CA GLY B 241 -2.59 -36.75 -16.66
C GLY B 241 -1.57 -36.03 -17.53
N ILE B 242 -1.91 -35.79 -18.80
CA ILE B 242 -0.99 -35.14 -19.74
C ILE B 242 -1.24 -33.65 -19.80
N TRP B 243 -0.19 -32.87 -19.51
CA TRP B 243 -0.31 -31.43 -19.56
C TRP B 243 0.29 -30.85 -20.83
N GLN B 244 -0.22 -29.69 -21.22
CA GLN B 244 0.27 -29.00 -22.39
C GLN B 244 0.37 -27.49 -22.19
N LEU B 245 1.31 -26.89 -22.91
CA LEU B 245 1.48 -25.44 -22.93
C LEU B 245 0.22 -24.76 -23.46
N THR B 246 0.01 -23.51 -23.04
CA THR B 246 -1.23 -22.78 -23.32
C THR B 246 -1.01 -21.27 -23.25
N ASP B 247 -1.76 -20.52 -24.07
CA ASP B 247 -1.70 -19.06 -24.02
C ASP B 247 -2.24 -18.61 -22.68
N PRO B 248 -1.55 -17.67 -22.03
CA PRO B 248 -1.96 -17.31 -20.69
C PRO B 248 -3.34 -16.64 -20.69
N PRO B 249 -4.03 -16.65 -19.56
CA PRO B 249 -5.37 -16.07 -19.62
C PRO B 249 -5.34 -14.56 -19.47
N ILE B 250 -4.14 -13.98 -19.34
CA ILE B 250 -3.98 -12.54 -19.10
C ILE B 250 -2.85 -11.96 -19.96
N LEU B 251 -2.96 -10.68 -20.28
CA LEU B 251 -1.94 -9.94 -21.02
C LEU B 251 -0.57 -9.92 -20.32
N PRO B 252 0.52 -9.85 -21.10
CA PRO B 252 1.82 -9.77 -20.45
C PRO B 252 2.02 -8.39 -19.82
N LEU B 253 2.98 -8.26 -18.91
CA LEU B 253 3.31 -6.97 -18.27
C LEU B 253 4.74 -6.51 -18.53
N THR B 254 4.88 -5.45 -19.33
CA THR B 254 6.18 -4.87 -19.62
C THR B 254 6.25 -3.40 -19.18
N HIS B 255 7.35 -3.01 -18.53
CA HIS B 255 7.61 -1.61 -18.24
C HIS B 255 9.11 -1.39 -18.05
N GLY B 256 9.54 -0.13 -18.20
CA GLY B 256 10.95 0.23 -18.09
C GLY B 256 11.34 0.71 -16.70
N PRO B 257 12.53 1.32 -16.57
CA PRO B 257 12.99 1.81 -15.27
C PRO B 257 12.66 3.28 -15.09
N THR B 258 12.81 3.81 -13.88
CA THR B 258 12.74 5.26 -13.74
C THR B 258 13.84 5.90 -14.59
N GLY B 259 15.02 5.27 -14.64
CA GLY B 259 16.14 5.72 -15.48
C GLY B 259 16.80 6.90 -14.81
N ARG C 5 -24.54 -17.46 28.70
CA ARG C 5 -24.88 -16.01 28.53
C ARG C 5 -24.05 -15.13 29.48
N CYS C 6 -22.94 -14.61 28.96
CA CYS C 6 -22.05 -13.67 29.64
C CYS C 6 -21.74 -12.49 28.75
N LEU C 7 -21.78 -11.31 29.35
CA LEU C 7 -21.26 -10.15 28.69
C LEU C 7 -20.02 -9.75 29.47
N PHE C 8 -18.88 -9.71 28.80
CA PHE C 8 -17.65 -9.17 29.38
C PHE C 8 -17.41 -7.84 28.73
N VAL C 9 -17.14 -6.83 29.56
CA VAL C 9 -16.86 -5.49 29.04
C VAL C 9 -15.55 -5.06 29.66
N CYS C 10 -14.57 -4.74 28.82
CA CYS C 10 -13.26 -4.29 29.30
C CYS C 10 -12.75 -3.08 28.53
N ARG C 11 -11.83 -2.36 29.16
CA ARG C 11 -11.24 -1.14 28.63
C ARG C 11 -10.00 -1.45 27.77
N HIS C 12 -9.77 -0.62 26.74
CA HIS C 12 -8.55 -0.71 25.91
C HIS C 12 -7.29 -0.65 26.77
N GLY C 13 -6.15 -1.01 26.16
CA GLY C 13 -4.87 -1.02 26.83
C GLY C 13 -4.12 0.30 26.73
N GLU C 14 -2.89 0.34 27.25
CA GLU C 14 -2.12 1.58 27.35
C GLU C 14 -1.93 2.36 26.03
N ARG C 15 -2.13 3.66 26.15
CA ARG C 15 -2.38 4.54 25.03
C ARG C 15 -1.22 5.55 24.79
N MET C 16 -0.76 5.70 23.54
CA MET C 16 0.42 6.55 23.16
C MET C 16 0.46 7.94 23.74
N ASP C 17 -0.61 8.69 23.50
CA ASP C 17 -0.72 10.09 23.89
C ASP C 17 -0.78 10.31 25.41
N VAL C 18 -0.83 9.25 26.20
CA VAL C 18 -0.81 9.44 27.64
C VAL C 18 0.61 9.26 28.13
N VAL C 19 1.29 8.23 27.63
CA VAL C 19 2.66 8.00 28.02
C VAL C 19 3.51 9.10 27.43
N PHE C 20 3.34 9.34 26.14
CA PHE C 20 4.19 10.30 25.47
C PHE C 20 3.51 11.64 25.30
N GLY C 21 2.28 11.72 25.81
CA GLY C 21 1.59 12.99 25.95
C GLY C 21 1.07 13.51 24.64
N LYS C 22 0.52 14.71 24.69
CA LYS C 22 -0.22 15.26 23.56
C LYS C 22 0.52 15.29 22.23
N TYR C 23 1.81 15.56 22.27
CA TYR C 23 2.56 15.87 21.05
C TYR C 23 3.46 14.75 20.56
N TRP C 24 3.16 13.55 21.05
CA TRP C 24 3.93 12.35 20.77
C TRP C 24 4.20 12.18 19.28
N LEU C 25 3.32 12.74 18.46
CA LEU C 25 3.47 12.72 17.02
C LEU C 25 4.78 13.33 16.56
N SER C 26 5.14 14.49 17.11
CA SER C 26 6.42 15.10 16.75
C SER C 26 7.59 14.29 17.27
N GLN C 27 7.34 13.41 18.22
CA GLN C 27 8.37 12.52 18.74
C GLN C 27 8.60 11.27 17.88
N CYS C 28 7.71 10.93 16.97
CA CYS C 28 7.99 9.73 16.16
C CYS C 28 7.76 9.83 14.66
N PHE C 29 7.32 10.99 14.21
CA PHE C 29 7.22 11.28 12.79
C PHE C 29 8.14 12.44 12.40
N ASP C 30 8.99 12.22 11.40
CA ASP C 30 9.83 13.29 10.86
C ASP C 30 9.03 14.16 9.89
N ALA C 31 9.70 15.12 9.26
CA ALA C 31 9.05 16.05 8.33
C ALA C 31 8.47 15.37 7.07
N LYS C 32 9.13 14.32 6.61
CA LYS C 32 8.65 13.57 5.46
C LYS C 32 7.47 12.65 5.79
N GLY C 33 7.24 12.45 7.09
CA GLY C 33 6.13 11.63 7.55
C GLY C 33 6.56 10.21 7.85
N ARG C 34 7.86 9.97 7.96
CA ARG C 34 8.37 8.65 8.31
C ARG C 34 8.30 8.44 9.79
N TYR C 35 7.93 7.22 10.17
CA TYR C 35 7.84 6.86 11.57
C TYR C 35 9.22 6.39 12.05
N ILE C 36 9.71 7.04 13.10
CA ILE C 36 10.99 6.67 13.67
C ILE C 36 10.75 6.53 15.16
N ARG C 37 10.68 5.29 15.64
CA ARG C 37 10.36 5.10 17.04
C ARG C 37 11.53 5.62 17.88
N THR C 38 11.22 6.18 19.05
CA THR C 38 12.27 6.80 19.85
C THR C 38 12.28 6.21 21.25
N ASN C 39 11.49 5.14 21.42
CA ASN C 39 11.30 4.50 22.71
C ASN C 39 10.84 3.06 22.52
N LEU C 40 11.31 2.16 23.37
CA LEU C 40 11.00 0.75 23.21
C LEU C 40 9.52 0.42 23.46
N ASN C 41 8.78 1.35 24.07
CA ASN C 41 7.35 1.18 24.29
C ASN C 41 6.53 1.63 23.09
N MET C 42 7.21 1.97 22.01
CA MET C 42 6.57 2.35 20.75
C MET C 42 6.68 1.18 19.79
N PRO C 43 5.57 0.84 19.11
CA PRO C 43 5.53 -0.32 18.23
C PRO C 43 6.54 -0.19 17.10
N HIS C 44 6.99 -1.31 16.54
CA HIS C 44 7.92 -1.27 15.41
C HIS C 44 7.35 -0.57 14.19
N SER C 45 6.03 -0.59 14.04
CA SER C 45 5.41 0.17 12.97
C SER C 45 3.99 0.53 13.33
N LEU C 46 3.49 1.61 12.72
CA LEU C 46 2.12 2.04 12.86
C LEU C 46 1.41 1.87 11.53
N PRO C 47 0.07 1.63 11.55
CA PRO C 47 -0.72 1.49 10.33
C PRO C 47 -0.82 2.76 9.52
N GLN C 48 -0.79 2.62 8.20
CA GLN C 48 -1.00 3.72 7.28
C GLN C 48 -2.42 4.23 7.40
N ARG C 49 -2.58 5.46 7.87
CA ARG C 49 -3.91 6.07 7.85
C ARG C 49 -4.10 6.80 6.53
N SER C 50 -5.18 6.47 5.83
CA SER C 50 -5.43 7.01 4.50
C SER C 50 -5.44 8.54 4.44
N GLY C 51 -5.56 9.20 5.59
CA GLY C 51 -5.52 10.66 5.62
C GLY C 51 -4.17 11.28 5.99
N GLY C 52 -3.15 10.45 6.20
CA GLY C 52 -1.84 10.92 6.65
C GLY C 52 -1.61 10.68 8.13
N PHE C 53 -0.36 10.84 8.58
CA PHE C 53 -0.01 10.60 9.98
C PHE C 53 -0.73 11.54 10.95
N ARG C 54 -1.28 12.62 10.42
CA ARG C 54 -1.94 13.65 11.23
C ARG C 54 -3.24 13.15 11.88
N ASP C 55 -3.89 12.17 11.25
CA ASP C 55 -5.15 11.61 11.74
C ASP C 55 -5.00 10.92 13.10
N TYR C 56 -3.80 10.46 13.42
CA TYR C 56 -3.51 9.84 14.71
C TYR C 56 -3.78 10.78 15.87
N GLU C 57 -3.83 12.07 15.61
CA GLU C 57 -3.92 13.01 16.70
C GLU C 57 -5.16 12.82 17.56
N LYS C 58 -6.30 12.59 16.91
CA LYS C 58 -7.55 12.38 17.64
C LYS C 58 -7.91 10.90 17.83
N ASP C 59 -6.97 10.01 17.50
CA ASP C 59 -7.19 8.57 17.51
C ASP C 59 -5.83 7.91 17.68
N ALA C 60 -5.31 7.92 18.91
CA ALA C 60 -3.98 7.39 19.18
C ALA C 60 -3.99 5.87 19.24
N PRO C 61 -2.86 5.22 18.91
CA PRO C 61 -2.79 3.77 19.06
C PRO C 61 -2.28 3.41 20.45
N ILE C 62 -2.33 2.12 20.74
CA ILE C 62 -1.79 1.60 21.99
C ILE C 62 -0.29 1.37 21.90
N THR C 63 0.36 1.37 23.05
CA THR C 63 1.80 1.22 23.17
C THR C 63 2.18 -0.25 23.08
N VAL C 64 3.47 -0.59 23.18
CA VAL C 64 3.86 -1.99 23.16
C VAL C 64 3.36 -2.70 24.42
N PHE C 65 3.52 -2.06 25.57
CA PHE C 65 2.96 -2.62 26.81
C PHE C 65 1.43 -2.68 26.76
N GLY C 66 0.83 -1.82 25.95
CA GLY C 66 -0.60 -1.92 25.60
C GLY C 66 -0.95 -3.28 25.01
N CYS C 67 -0.22 -3.73 24.00
CA CYS C 67 -0.38 -5.11 23.47
C CYS C 67 -0.19 -6.15 24.54
N MET C 68 0.87 -6.04 25.35
CA MET C 68 1.09 -7.06 26.38
C MET C 68 -0.14 -7.20 27.26
N GLN C 69 -0.65 -6.09 27.80
CA GLN C 69 -1.82 -6.14 28.67
C GLN C 69 -2.92 -6.97 28.04
N ALA C 70 -3.26 -6.62 26.80
CA ALA C 70 -4.31 -7.28 26.06
C ALA C 70 -4.05 -8.77 25.85
N ARG C 71 -2.81 -9.11 25.46
CA ARG C 71 -2.41 -10.49 25.27
C ARG C 71 -2.67 -11.25 26.55
N LEU C 72 -2.13 -10.73 27.67
CA LEU C 72 -2.32 -11.38 28.96
C LEU C 72 -3.79 -11.65 29.24
N VAL C 73 -4.64 -10.69 28.94
CA VAL C 73 -6.08 -10.87 29.17
C VAL C 73 -6.63 -12.04 28.34
N GLY C 74 -6.34 -12.05 27.04
CA GLY C 74 -6.71 -13.16 26.16
C GLY C 74 -6.22 -14.49 26.69
N GLU C 75 -4.95 -14.58 27.07
CA GLU C 75 -4.40 -15.83 27.56
C GLU C 75 -5.11 -16.23 28.82
N ALA C 76 -5.30 -15.27 29.73
CA ALA C 76 -6.04 -15.53 30.97
C ALA C 76 -7.38 -16.14 30.64
N LEU C 77 -8.06 -15.56 29.65
CA LEU C 77 -9.37 -16.02 29.26
C LEU C 77 -9.31 -17.46 28.79
N LEU C 78 -8.32 -17.77 27.95
CA LEU C 78 -8.10 -19.14 27.47
C LEU C 78 -7.78 -20.13 28.59
N GLU C 79 -6.91 -19.74 29.51
CA GLU C 79 -6.58 -20.60 30.65
C GLU C 79 -7.84 -20.92 31.46
N SER C 80 -8.73 -19.95 31.61
CA SER C 80 -9.95 -20.18 32.36
C SER C 80 -11.02 -20.92 31.54
N ASN C 81 -10.61 -21.42 30.37
CA ASN C 81 -11.51 -22.09 29.42
C ASN C 81 -12.80 -21.32 29.20
N THR C 82 -12.69 -20.00 29.11
CA THR C 82 -13.82 -19.12 28.83
C THR C 82 -13.90 -18.91 27.32
N VAL C 83 -14.97 -19.40 26.70
CA VAL C 83 -15.16 -19.23 25.27
C VAL C 83 -15.87 -17.93 24.94
N ILE C 84 -15.34 -17.22 23.96
CA ILE C 84 -15.92 -15.98 23.46
C ILE C 84 -16.52 -16.26 22.09
N ASP C 85 -17.75 -15.81 21.88
CA ASP C 85 -18.45 -16.13 20.62
C ASP C 85 -18.54 -14.93 19.70
N HIS C 86 -18.77 -13.76 20.27
CA HIS C 86 -18.84 -12.55 19.48
C HIS C 86 -18.00 -11.50 20.18
N VAL C 87 -17.24 -10.71 19.42
CA VAL C 87 -16.44 -9.61 20.02
C VAL C 87 -16.69 -8.30 19.31
N TYR C 88 -17.17 -7.33 20.09
CA TYR C 88 -17.42 -6.00 19.59
C TYR C 88 -16.37 -5.03 20.15
N CYS C 89 -16.10 -3.94 19.44
CA CYS C 89 -15.26 -2.88 19.99
C CYS C 89 -15.68 -1.50 19.50
N SER C 90 -15.23 -0.47 20.23
CA SER C 90 -15.43 0.92 19.83
C SER C 90 -14.63 1.15 18.55
N PRO C 91 -14.94 2.20 17.78
CA PRO C 91 -14.10 2.36 16.59
C PRO C 91 -12.74 3.03 16.84
N SER C 92 -12.46 3.50 18.06
CA SER C 92 -11.13 4.05 18.31
C SER C 92 -10.08 2.98 17.97
N LEU C 93 -8.95 3.42 17.43
CA LEU C 93 -7.94 2.47 17.00
C LEU C 93 -7.47 1.71 18.22
N ARG C 94 -7.26 2.44 19.30
CA ARG C 94 -6.85 1.79 20.54
C ARG C 94 -7.77 0.61 20.91
N CYS C 95 -9.07 0.76 20.67
CA CYS C 95 -10.00 -0.30 21.04
C CYS C 95 -9.87 -1.50 20.12
N VAL C 96 -9.92 -1.23 18.81
CA VAL C 96 -9.66 -2.24 17.79
C VAL C 96 -8.37 -3.01 18.10
N GLN C 97 -7.26 -2.31 18.32
CA GLN C 97 -6.00 -2.98 18.59
C GLN C 97 -6.05 -3.85 19.83
N THR C 98 -6.67 -3.36 20.90
CA THR C 98 -6.83 -4.17 22.09
C THR C 98 -7.65 -5.44 21.75
N ALA C 99 -8.77 -5.28 21.07
CA ALA C 99 -9.56 -6.46 20.70
C ALA C 99 -8.72 -7.47 19.90
N HIS C 100 -7.92 -6.97 18.95
CA HIS C 100 -7.12 -7.86 18.12
C HIS C 100 -6.20 -8.71 18.98
N ASN C 101 -5.48 -8.03 19.87
CA ASN C 101 -4.52 -8.66 20.74
C ASN C 101 -5.14 -9.58 21.81
N ILE C 102 -6.35 -9.26 22.29
CA ILE C 102 -7.08 -10.22 23.11
C ILE C 102 -7.31 -11.49 22.32
N LEU C 103 -7.76 -11.37 21.08
CA LEU C 103 -7.97 -12.55 20.24
C LEU C 103 -6.71 -13.39 20.05
N LYS C 104 -5.55 -12.75 20.03
CA LYS C 104 -4.31 -13.50 19.89
C LYS C 104 -4.06 -14.38 21.10
N GLY C 105 -4.12 -13.79 22.29
CA GLY C 105 -3.89 -14.51 23.54
C GLY C 105 -4.87 -15.66 23.64
N LEU C 106 -6.09 -15.38 23.18
CA LEU C 106 -7.18 -16.33 23.17
C LEU C 106 -6.98 -17.43 22.13
N GLN C 107 -6.03 -17.21 21.22
CA GLN C 107 -5.78 -18.07 20.06
C GLN C 107 -7.02 -18.23 19.20
N GLN C 108 -7.49 -17.08 18.69
CA GLN C 108 -8.78 -16.96 17.98
C GLN C 108 -8.78 -15.87 16.91
N ASP C 109 -7.63 -15.25 16.68
CA ASP C 109 -7.52 -14.09 15.78
C ASP C 109 -7.89 -14.37 14.32
N ASN C 110 -7.65 -15.59 13.85
CA ASN C 110 -8.14 -15.95 12.52
C ASN C 110 -9.28 -16.97 12.50
N HIS C 111 -9.97 -17.13 13.63
CA HIS C 111 -11.29 -17.78 13.65
C HIS C 111 -12.40 -16.77 13.95
N LEU C 112 -12.14 -15.82 14.85
CA LEU C 112 -13.16 -14.88 15.31
C LEU C 112 -12.88 -13.50 14.70
N LYS C 113 -13.93 -12.70 14.58
CA LYS C 113 -13.84 -11.43 13.85
C LYS C 113 -14.51 -10.28 14.56
N ILE C 114 -13.73 -9.23 14.80
CA ILE C 114 -14.19 -8.10 15.57
C ILE C 114 -15.23 -7.26 14.85
N ARG C 115 -16.30 -6.94 15.57
CA ARG C 115 -17.37 -6.14 15.03
C ARG C 115 -17.30 -4.73 15.54
N VAL C 116 -16.80 -3.86 14.69
CA VAL C 116 -16.59 -2.46 15.03
C VAL C 116 -17.94 -1.76 15.09
N GLU C 117 -18.25 -1.26 16.28
CA GLU C 117 -19.56 -0.65 16.54
C GLU C 117 -19.40 0.79 17.01
N PRO C 118 -19.60 1.76 16.12
CA PRO C 118 -19.46 3.17 16.46
C PRO C 118 -20.34 3.57 17.64
N GLY C 119 -21.43 2.83 17.85
CA GLY C 119 -22.28 3.02 19.03
C GLY C 119 -21.58 2.76 20.35
N LEU C 120 -20.51 1.96 20.33
CA LEU C 120 -19.73 1.72 21.55
C LEU C 120 -18.73 2.84 21.89
N PHE C 121 -18.61 3.85 21.03
CA PHE C 121 -17.62 4.92 21.24
C PHE C 121 -17.94 5.74 22.49
N GLU C 122 -16.91 6.36 23.07
CA GLU C 122 -17.04 7.05 24.36
C GLU C 122 -17.84 8.33 24.24
N TRP C 123 -18.20 8.90 25.39
CA TRP C 123 -18.92 10.16 25.46
C TRP C 123 -18.20 11.23 24.61
N THR C 124 -18.91 11.74 23.60
CA THR C 124 -18.32 12.59 22.54
C THR C 124 -17.85 13.96 23.00
N LYS C 125 -18.04 14.25 24.28
CA LYS C 125 -17.50 15.44 24.93
C LYS C 125 -15.98 15.37 24.98
N TRP C 126 -15.45 14.19 25.30
CA TRP C 126 -14.00 14.00 25.45
C TRP C 126 -13.24 14.01 24.13
N VAL C 127 -13.95 14.31 23.05
CA VAL C 127 -13.32 14.53 21.76
C VAL C 127 -12.94 16.00 21.68
N ALA C 128 -11.65 16.25 21.96
CA ALA C 128 -11.03 17.53 21.69
C ALA C 128 -11.16 17.79 20.20
N GLY C 129 -11.60 19.00 19.87
CA GLY C 129 -11.78 19.39 18.48
C GLY C 129 -13.25 19.62 18.24
N SER C 130 -13.54 20.26 17.11
CA SER C 130 -14.90 20.54 16.68
C SER C 130 -15.52 19.35 15.95
N THR C 131 -14.67 18.37 15.62
CA THR C 131 -15.01 17.31 14.67
C THR C 131 -14.55 15.91 15.15
N LEU C 132 -15.42 14.92 14.97
CA LEU C 132 -15.14 13.54 15.39
C LEU C 132 -13.89 12.94 14.75
N PRO C 133 -13.19 12.04 15.48
CA PRO C 133 -11.94 11.45 14.97
C PRO C 133 -12.13 10.81 13.61
N ALA C 134 -11.05 10.75 12.84
CA ALA C 134 -11.08 10.10 11.54
C ALA C 134 -10.76 8.64 11.76
N TRP C 135 -11.77 7.89 12.18
CA TRP C 135 -11.59 6.48 12.43
C TRP C 135 -11.24 5.75 11.17
N ILE C 136 -10.47 4.68 11.32
CA ILE C 136 -10.13 3.80 10.23
C ILE C 136 -11.34 2.89 10.00
N PRO C 137 -11.90 2.90 8.78
CA PRO C 137 -13.11 2.11 8.53
C PRO C 137 -12.74 0.65 8.61
N PRO C 138 -13.71 -0.25 8.92
CA PRO C 138 -13.34 -1.66 9.03
C PRO C 138 -12.41 -2.18 7.92
N SER C 139 -12.80 -2.11 6.64
CA SER C 139 -11.98 -2.71 5.57
C SER C 139 -10.52 -2.22 5.46
N GLU C 140 -10.26 -0.95 5.77
CA GLU C 140 -8.88 -0.44 5.93
C GLU C 140 -8.20 -1.11 7.13
N LEU C 141 -9.01 -1.49 8.11
CA LEU C 141 -8.52 -2.11 9.35
C LEU C 141 -8.07 -3.55 9.12
N ALA C 142 -8.87 -4.32 8.38
CA ALA C 142 -8.47 -5.68 8.01
C ALA C 142 -7.17 -5.59 7.22
N ALA C 143 -7.23 -4.85 6.12
CA ALA C 143 -6.04 -4.47 5.38
C ALA C 143 -4.84 -4.07 6.27
N ALA C 144 -5.08 -3.65 7.52
CA ALA C 144 -3.97 -3.31 8.45
C ALA C 144 -3.63 -4.42 9.45
N ASN C 145 -4.06 -5.65 9.16
CA ASN C 145 -3.81 -6.84 9.99
C ASN C 145 -4.54 -6.86 11.34
N LEU C 146 -5.75 -6.33 11.37
CA LEU C 146 -6.59 -6.45 12.55
C LEU C 146 -7.77 -7.31 12.16
N SER C 147 -8.25 -8.15 13.08
CA SER C 147 -9.22 -9.16 12.72
C SER C 147 -10.64 -8.65 12.82
N VAL C 148 -10.96 -7.62 12.05
CA VAL C 148 -12.30 -7.05 12.07
C VAL C 148 -13.23 -7.71 11.05
N ASP C 149 -14.52 -7.57 11.26
CA ASP C 149 -15.49 -8.11 10.34
C ASP C 149 -15.93 -6.99 9.39
N THR C 150 -15.64 -7.15 8.11
CA THR C 150 -16.04 -6.17 7.10
C THR C 150 -17.53 -6.35 6.77
N THR C 151 -18.05 -7.54 7.05
CA THR C 151 -19.47 -7.89 6.88
C THR C 151 -20.41 -7.17 7.84
N TYR C 152 -19.88 -6.75 8.98
CA TYR C 152 -20.71 -6.25 10.07
C TYR C 152 -21.40 -4.95 9.71
N ARG C 153 -22.71 -4.89 9.90
CA ARG C 153 -23.45 -3.64 9.74
C ARG C 153 -23.79 -3.06 11.12
N PRO C 154 -23.23 -1.86 11.42
CA PRO C 154 -23.28 -1.21 12.73
C PRO C 154 -24.70 -0.84 13.16
N HIS C 155 -24.95 -0.85 14.46
CA HIS C 155 -26.26 -0.44 15.00
C HIS C 155 -26.42 1.07 15.02
N ILE C 156 -25.37 1.76 15.44
CA ILE C 156 -25.28 3.19 15.26
C ILE C 156 -24.08 3.38 14.36
N PRO C 157 -24.31 3.75 13.08
CA PRO C 157 -23.15 4.06 12.24
C PRO C 157 -22.56 5.42 12.62
N VAL C 158 -21.41 5.75 12.04
CA VAL C 158 -20.68 6.98 12.38
C VAL C 158 -21.56 8.24 12.33
N SER C 159 -22.23 8.42 11.19
CA SER C 159 -23.07 9.60 10.93
C SER C 159 -24.21 9.81 11.93
N LYS C 160 -24.52 8.77 12.71
CA LYS C 160 -25.59 8.86 13.70
C LYS C 160 -25.05 9.28 15.07
N LEU C 161 -23.81 9.75 15.11
CA LEU C 161 -23.18 10.17 16.35
C LEU C 161 -23.05 11.68 16.43
N ALA C 162 -23.67 12.25 17.45
CA ALA C 162 -23.63 13.69 17.68
C ALA C 162 -22.30 14.07 18.32
N ILE C 163 -21.64 15.07 17.73
CA ILE C 163 -20.43 15.66 18.31
C ILE C 163 -20.87 16.47 19.52
N SER C 164 -20.06 16.47 20.58
CA SER C 164 -20.38 17.18 21.83
C SER C 164 -21.85 16.90 22.26
N GLU C 165 -22.16 15.62 22.47
CA GLU C 165 -23.53 15.16 22.71
C GLU C 165 -23.93 15.30 24.17
N SER C 166 -25.22 15.09 24.45
CA SER C 166 -25.71 15.13 25.83
C SER C 166 -25.25 13.92 26.62
N TYR C 167 -25.05 14.11 27.91
CA TYR C 167 -24.62 13.02 28.79
C TYR C 167 -25.57 11.82 28.73
N ASP C 168 -26.87 12.03 28.99
CA ASP C 168 -27.78 10.86 28.95
C ASP C 168 -28.10 10.40 27.52
N THR C 169 -27.80 11.22 26.51
CA THR C 169 -27.73 10.70 25.15
C THR C 169 -26.65 9.59 25.09
N TYR C 170 -25.44 9.89 25.59
CA TYR C 170 -24.38 8.88 25.69
C TYR C 170 -24.82 7.66 26.48
N ILE C 171 -25.44 7.89 27.64
CA ILE C 171 -25.92 6.80 28.49
C ILE C 171 -26.91 5.91 27.75
N ASN C 172 -27.84 6.55 27.04
CA ASN C 172 -28.85 5.86 26.28
C ASN C 172 -28.34 5.00 25.17
N ARG C 173 -27.45 5.57 24.36
CA ARG C 173 -26.95 4.82 23.23
C ARG C 173 -26.20 3.61 23.75
N SER C 174 -25.41 3.77 24.81
CA SER C 174 -24.80 2.64 25.52
C SER C 174 -25.81 1.55 25.85
N PHE C 175 -26.91 1.92 26.51
CA PHE C 175 -27.92 0.95 26.89
C PHE C 175 -28.55 0.34 25.65
N GLN C 176 -28.87 1.21 24.68
CA GLN C 176 -29.46 0.80 23.41
C GLN C 176 -28.54 -0.14 22.64
N VAL C 177 -27.28 0.24 22.46
CA VAL C 177 -26.33 -0.57 21.69
C VAL C 177 -26.09 -1.93 22.33
N THR C 178 -25.79 -1.94 23.63
CA THR C 178 -25.57 -3.17 24.39
C THR C 178 -26.78 -4.10 24.26
N LYS C 179 -27.96 -3.50 24.21
CA LYS C 179 -29.23 -4.22 24.12
C LYS C 179 -29.35 -4.96 22.79
N GLU C 180 -29.01 -4.26 21.70
CA GLU C 180 -29.07 -4.82 20.35
C GLU C 180 -28.00 -5.86 20.15
N ILE C 181 -26.89 -5.69 20.87
CA ILE C 181 -25.77 -6.61 20.79
C ILE C 181 -26.13 -7.93 21.46
N ILE C 182 -26.74 -7.85 22.63
CA ILE C 182 -27.15 -9.03 23.39
C ILE C 182 -28.15 -9.89 22.62
N SER C 183 -29.02 -9.25 21.85
CA SER C 183 -30.09 -9.95 21.16
C SER C 183 -29.73 -10.46 19.76
N GLU C 184 -28.88 -9.74 19.03
CA GLU C 184 -28.38 -10.22 17.73
C GLU C 184 -27.35 -11.34 17.90
N CYS C 185 -26.99 -11.63 19.16
CA CYS C 185 -26.08 -12.74 19.47
C CYS C 185 -26.77 -13.89 20.20
N LYS C 186 -28.08 -13.76 20.44
CA LYS C 186 -28.81 -14.73 21.26
C LYS C 186 -28.90 -16.13 20.66
N SER C 187 -29.59 -16.26 19.52
CA SER C 187 -29.75 -17.56 18.85
C SER C 187 -28.41 -18.17 18.44
N LYS C 188 -27.34 -17.39 18.58
CA LYS C 188 -26.06 -17.65 17.92
C LYS C 188 -24.88 -17.93 18.89
N GLY C 189 -25.17 -18.52 20.05
CA GLY C 189 -24.11 -18.86 21.04
C GLY C 189 -23.98 -17.93 22.23
N ASN C 190 -23.20 -18.34 23.22
CA ASN C 190 -23.16 -17.70 24.56
C ASN C 190 -22.39 -16.37 24.71
N ASN C 191 -21.13 -16.43 25.15
CA ASN C 191 -20.37 -15.26 25.63
C ASN C 191 -20.04 -14.13 24.65
N ILE C 192 -20.33 -12.91 25.09
CA ILE C 192 -20.05 -11.69 24.31
C ILE C 192 -18.94 -10.84 24.96
N LEU C 193 -17.96 -10.44 24.15
CA LEU C 193 -16.92 -9.52 24.62
C LEU C 193 -17.02 -8.17 23.91
N ILE C 194 -17.08 -7.11 24.71
CA ILE C 194 -16.99 -5.73 24.25
C ILE C 194 -15.67 -5.10 24.72
N VAL C 195 -14.90 -4.56 23.79
CA VAL C 195 -13.65 -3.85 24.10
C VAL C 195 -13.87 -2.37 23.84
N ALA C 196 -13.85 -1.54 24.89
CA ALA C 196 -14.15 -0.13 24.65
C ALA C 196 -13.39 0.83 25.55
N HIS C 197 -14.14 1.65 26.28
CA HIS C 197 -13.57 2.75 27.05
C HIS C 197 -13.89 2.65 28.53
N ALA C 198 -13.18 3.46 29.32
CA ALA C 198 -13.46 3.55 30.75
C ALA C 198 -14.94 3.78 31.00
N SER C 199 -15.51 4.80 30.35
CA SER C 199 -16.92 5.12 30.50
C SER C 199 -17.84 3.95 30.13
N SER C 200 -17.38 3.08 29.23
CA SER C 200 -18.20 1.99 28.69
C SER C 200 -18.53 0.92 29.71
N LEU C 201 -17.67 0.76 30.71
CA LEU C 201 -17.88 -0.26 31.72
C LEU C 201 -19.18 0.02 32.47
N GLU C 202 -19.32 1.26 32.97
CA GLU C 202 -20.52 1.70 33.67
C GLU C 202 -21.70 1.82 32.72
N ALA C 203 -21.53 2.66 31.71
CA ALA C 203 -22.59 3.00 30.76
C ALA C 203 -23.26 1.78 30.11
N CYS C 204 -22.46 0.83 29.65
CA CYS C 204 -23.00 -0.35 28.94
C CYS C 204 -23.79 -1.30 29.83
N THR C 205 -23.34 -1.46 31.06
CA THR C 205 -23.92 -2.47 31.95
C THR C 205 -25.01 -1.91 32.89
N CYS C 206 -24.81 -0.69 33.38
CA CYS C 206 -25.63 -0.12 34.45
C CYS C 206 -27.15 -0.41 34.40
N GLN C 207 -27.81 0.05 33.34
CA GLN C 207 -29.26 -0.10 33.21
C GLN C 207 -29.68 -1.52 32.85
N LEU C 208 -28.73 -2.31 32.35
CA LEU C 208 -28.94 -3.72 32.09
C LEU C 208 -29.30 -4.47 33.38
N GLN C 209 -28.75 -4.02 34.51
CA GLN C 209 -29.06 -4.59 35.82
C GLN C 209 -30.21 -3.85 36.50
N GLY C 210 -30.82 -2.90 35.79
CA GLY C 210 -31.95 -2.12 36.30
C GLY C 210 -31.58 -0.98 37.24
N LEU C 211 -30.29 -0.71 37.35
CA LEU C 211 -29.79 0.39 38.19
C LEU C 211 -29.78 1.68 37.39
N SER C 212 -30.14 2.79 38.03
CA SER C 212 -30.09 4.08 37.35
C SER C 212 -28.68 4.67 37.35
N PRO C 213 -28.32 5.45 36.31
CA PRO C 213 -26.95 5.99 36.20
C PRO C 213 -26.66 7.06 37.25
N GLN C 214 -25.40 7.20 37.63
CA GLN C 214 -24.95 8.34 38.43
C GLN C 214 -25.11 9.59 37.57
N ASN C 215 -25.53 10.72 38.14
CA ASN C 215 -25.55 11.94 37.33
C ASN C 215 -24.14 12.33 36.86
N SER C 216 -24.06 13.21 35.86
CA SER C 216 -22.83 13.45 35.09
C SER C 216 -21.58 13.94 35.85
N LYS C 217 -21.69 14.13 37.16
CA LYS C 217 -20.55 14.57 37.98
C LYS C 217 -19.84 13.42 38.70
N ASP C 218 -20.63 12.58 39.37
CA ASP C 218 -20.11 11.38 40.04
C ASP C 218 -19.61 10.34 39.03
N PHE C 219 -20.01 10.53 37.78
CA PHE C 219 -19.66 9.64 36.66
C PHE C 219 -18.18 9.74 36.33
N VAL C 220 -17.77 10.93 35.91
CA VAL C 220 -16.38 11.27 35.62
C VAL C 220 -15.43 10.85 36.77
N GLN C 221 -15.89 10.96 38.01
CA GLN C 221 -15.19 10.39 39.17
C GLN C 221 -14.93 8.90 38.95
N MET C 222 -15.99 8.12 38.72
CA MET C 222 -15.91 6.65 38.52
C MET C 222 -15.19 6.24 37.22
N VAL C 223 -15.10 7.16 36.26
CA VAL C 223 -14.47 6.88 34.97
C VAL C 223 -12.93 6.94 35.05
N ARG C 224 -12.39 7.91 35.77
CA ARG C 224 -10.93 7.97 35.97
C ARG C 224 -10.45 6.91 36.98
N LYS C 225 -11.41 6.13 37.47
CA LYS C 225 -11.19 5.01 38.39
C LYS C 225 -10.61 3.79 37.64
N ILE C 226 -11.04 3.63 36.40
CA ILE C 226 -10.91 2.38 35.67
C ILE C 226 -9.53 2.23 35.03
N PRO C 227 -8.86 1.08 35.25
CA PRO C 227 -7.51 0.81 34.75
C PRO C 227 -7.54 0.37 33.29
N TYR C 228 -6.37 0.25 32.68
CA TYR C 228 -6.29 -0.31 31.35
C TYR C 228 -6.63 -1.79 31.41
N LEU C 229 -7.32 -2.30 30.38
CA LEU C 229 -7.86 -3.67 30.37
C LEU C 229 -8.67 -3.96 31.63
N GLY C 230 -9.10 -2.89 32.30
CA GLY C 230 -10.05 -3.00 33.38
C GLY C 230 -11.17 -3.86 32.84
N PHE C 231 -11.69 -4.76 33.67
CA PHE C 231 -12.50 -5.83 33.14
C PHE C 231 -13.62 -6.16 34.09
N CYS C 232 -14.86 -6.15 33.60
CA CYS C 232 -15.99 -6.64 34.41
C CYS C 232 -16.95 -7.48 33.58
N SER C 233 -17.79 -8.26 34.27
CA SER C 233 -18.68 -9.22 33.61
C SER C 233 -20.13 -9.26 34.09
N CYS C 234 -21.02 -9.63 33.19
CA CYS C 234 -22.44 -9.78 33.50
C CYS C 234 -22.98 -11.13 33.08
N GLU C 235 -23.89 -11.65 33.90
CA GLU C 235 -24.50 -12.95 33.66
C GLU C 235 -26.02 -12.80 33.52
N GLU C 236 -26.59 -13.47 32.53
CA GLU C 236 -28.06 -13.49 32.36
C GLU C 236 -28.66 -14.75 33.03
N LEU C 237 -29.60 -14.54 33.95
CA LEU C 237 -30.37 -15.64 34.55
C LEU C 237 -31.57 -16.07 33.68
N GLY C 238 -31.63 -17.37 33.37
CA GLY C 238 -32.58 -17.91 32.38
C GLY C 238 -32.33 -17.25 31.04
N GLU C 239 -33.39 -17.08 30.26
CA GLU C 239 -33.39 -16.08 29.20
C GLU C 239 -34.56 -15.16 29.53
N THR C 240 -34.56 -14.74 30.80
CA THR C 240 -35.59 -13.85 31.36
C THR C 240 -35.26 -12.39 31.06
N GLY C 241 -34.05 -12.16 30.56
CA GLY C 241 -33.62 -10.83 30.14
C GLY C 241 -32.97 -9.99 31.23
N ILE C 242 -32.89 -10.53 32.45
CA ILE C 242 -32.32 -9.81 33.60
C ILE C 242 -30.86 -10.13 33.79
N TRP C 243 -30.02 -9.10 33.76
CA TRP C 243 -28.61 -9.31 33.96
C TRP C 243 -28.17 -8.94 35.37
N GLN C 244 -27.08 -9.55 35.81
CA GLN C 244 -26.52 -9.28 37.12
C GLN C 244 -25.00 -9.26 37.10
N LEU C 245 -24.44 -8.48 38.02
CA LEU C 245 -23.00 -8.39 38.23
C LEU C 245 -22.44 -9.76 38.64
N THR C 246 -21.17 -9.98 38.36
CA THR C 246 -20.54 -11.29 38.53
C THR C 246 -19.02 -11.15 38.67
N ASP C 247 -18.41 -12.03 39.44
CA ASP C 247 -16.95 -12.07 39.58
C ASP C 247 -16.36 -12.44 38.24
N PRO C 248 -15.32 -11.71 37.79
CA PRO C 248 -14.81 -11.95 36.46
C PRO C 248 -14.21 -13.34 36.34
N PRO C 249 -14.11 -13.88 35.11
CA PRO C 249 -13.59 -15.23 35.03
C PRO C 249 -12.07 -15.25 35.03
N ILE C 250 -11.44 -14.09 35.17
CA ILE C 250 -9.98 -14.00 35.15
C ILE C 250 -9.45 -13.04 36.20
N LEU C 251 -8.21 -13.27 36.65
CA LEU C 251 -7.55 -12.41 37.63
C LEU C 251 -7.38 -10.98 37.17
N PRO C 252 -7.38 -10.02 38.11
CA PRO C 252 -7.12 -8.63 37.68
C PRO C 252 -5.67 -8.42 37.26
N LEU C 253 -5.41 -7.33 36.54
CA LEU C 253 -4.05 -7.00 36.10
C LEU C 253 -3.55 -5.66 36.63
N THR C 254 -2.55 -5.71 37.50
CA THR C 254 -1.99 -4.50 38.08
C THR C 254 -0.49 -4.46 37.85
N HIS C 255 0.03 -3.31 37.44
CA HIS C 255 1.47 -3.08 37.37
C HIS C 255 1.76 -1.58 37.42
N GLY C 256 3.00 -1.25 37.79
CA GLY C 256 3.41 0.15 37.92
C GLY C 256 4.11 0.71 36.69
N PRO C 257 4.79 1.86 36.83
CA PRO C 257 5.44 2.46 35.68
C PRO C 257 6.91 2.06 35.63
N THR C 258 7.59 2.34 34.53
CA THR C 258 9.05 2.22 34.56
C THR C 258 9.60 3.21 35.57
N GLY C 259 9.09 4.44 35.51
CA GLY C 259 9.73 5.62 36.09
C GLY C 259 10.31 6.42 34.93
N GLY C 260 10.05 7.73 34.89
CA GLY C 260 10.68 8.61 33.90
C GLY C 260 12.17 8.66 34.19
N PHE C 261 12.98 8.87 33.15
CA PHE C 261 14.43 8.97 33.34
C PHE C 261 15.08 9.97 32.41
N ASN C 262 15.10 9.64 31.12
CA ASN C 262 15.95 10.32 30.13
C ASN C 262 17.45 10.06 30.38
P PO4 D . 10.51 14.40 -21.88
O1 PO4 D . 10.77 12.90 -21.86
O2 PO4 D . 9.08 14.62 -22.28
O3 PO4 D . 10.83 14.96 -20.50
O4 PO4 D . 11.40 15.02 -22.93
P PO4 E . 14.66 -15.20 -8.87
O1 PO4 E . 15.90 -15.86 -9.42
O2 PO4 E . 13.51 -15.45 -9.82
O3 PO4 E . 14.34 -15.76 -7.50
O4 PO4 E . 14.91 -13.72 -8.69
P PO4 F . -10.46 6.08 27.21
O1 PO4 F . -9.06 5.98 27.77
O2 PO4 F . -11.41 5.43 28.18
O3 PO4 F . -10.79 7.55 27.03
O4 PO4 F . -10.55 5.44 25.85
#